data_8EXV
#
_entry.id   8EXV
#
_cell.length_a   58.720
_cell.length_b   133.720
_cell.length_c   141.740
_cell.angle_alpha   90.000
_cell.angle_beta   90.000
_cell.angle_gamma   90.000
#
_symmetry.space_group_name_H-M   'P 21 21 21'
#
loop_
_entity.id
_entity.type
_entity.pdbx_description
1 polymer 'Phosphatidylinositol 4,5-bisphosphate 3-kinase catalytic subunit alpha isoform'
2 non-polymer N~2~-{(4S,11aP)-2-[(4S)-4-(difluoromethyl)-2-oxo-1,3-oxazolidin-3-yl]-5,6-dihydroimidazo[1,2-d][1,4]benzoxazepin-9-yl}-L-alaninamide
3 water water
#
_entity_poly.entity_id   1
_entity_poly.type   'polypeptide(L)'
_entity_poly.pdbx_seq_one_letter_code
;MSYYHHHHHHDYDIPTTENLYFQGAMGSGELWGIHLMPPRILVECLLPNGMIVTLECLREATLITIKHELFKEARKYPLH
QLLQDESSYIFVSVTQEAEREEFFDETRRLCDLRLFQPFLKVIEPVENLYFQGGNREEKILNREIGFAIGMPVCEFDMVK
DPEVQDFRRNILNVCKEAVDLRDLNSPHSRAMYVYPPNVESSPELPKHIYNKLDKGQIIVVIWVIVSPNNDKQKYTLKIN
HDCVPEQVIAEAIRKKTRSMLLSSEQLKLCVLEYQGKYILKVCGCDEYFLEKYPLSQYKYIRSCIMLGRMPNLMLMAKES
LYSQLPMDCFTMPSYSRRISTATPYMNGETSTKSLWVINSALRIKILCATYVNVNIRDIDKIYVRTGIYHGGEPLCDNVN
TQRVPCSNPRWNEWLNYDIYIPDLPRAARLCLSICSVKGRKGAKEEHCPLAWGNINLFDYTDTLVSGKMALNLWPVPHGL
EDLLNPIGVTGSNPNKETPCLELEFDWFSSVVKFPDMSVIEEHANWSVSREAGFSYSHAGLSNRLARDNELRENDKEQLK
AISTRDPLSEITEQEKDFLWSHRHYCVTIPEILPKLLLSVKWNSRDEVAQMYCLVKDWPPIKPEQAMELLDCNYPDPMVR
GFAVRCLEKYLTDDKLSQYLIQLVQVLKYEQYLDNLLVRFLLKKALTNQRIGHFFFWHLKSEMHNKTVSQRFGLLLESYC
RACGMYLKHLNRQVEAMEKLINLTDILKQEKKDETQKVQMKFLVEQMRRPDFMDALQGFLSPLNPAHQLGNLRLEECRIM
SSAKRPLWLNWENPDIMSELLFQNNEIIFKNGDDLRQDMLTLQIIRIMENIWQNQGLDLRMLPYGCLSIGDCVGLIEVVR
NSHTIMQIQCKGGLKGALQFNSHTLHQWLKDKNKGEIYDAAIDLFTRSCAGYCVATFILGIGDRHNSNIMVKDDGQLFHI
DFGHFLDHKKKKFGYKRERVPFVLTQDFLIVISKGAQECTKTREFERFQEMCYKAYLAIRQHANLFINLFSMMLGSGMPE
LQSFDDIAYIRKTLALDKTEQEALEYFMKQMNDAHHGGWT
;
_entity_poly.pdbx_strand_id   A
#
# COMPACT_ATOMS: atom_id res chain seq x y z
N ASN A 135 28.91 -25.90 -0.84
CA ASN A 135 29.11 -24.45 -0.91
C ASN A 135 29.11 -23.92 -2.35
N ARG A 136 29.29 -24.80 -3.38
CA ARG A 136 29.22 -24.41 -4.80
C ARG A 136 27.80 -23.96 -5.12
N GLU A 137 26.81 -24.65 -4.52
CA GLU A 137 25.39 -24.34 -4.63
C GLU A 137 25.12 -22.98 -3.98
N GLU A 138 25.71 -22.73 -2.79
CA GLU A 138 25.52 -21.48 -2.07
C GLU A 138 26.06 -20.23 -2.81
N LYS A 139 27.22 -20.35 -3.46
CA LYS A 139 27.84 -19.27 -4.21
C LYS A 139 27.02 -18.87 -5.45
N ILE A 140 26.46 -19.87 -6.15
CA ILE A 140 25.60 -19.73 -7.33
C ILE A 140 24.27 -19.13 -6.93
N LEU A 141 23.71 -19.58 -5.81
CA LEU A 141 22.46 -19.03 -5.30
C LEU A 141 22.68 -17.56 -4.86
N ASN A 142 23.82 -17.23 -4.20
CA ASN A 142 24.16 -15.85 -3.79
C ASN A 142 24.27 -14.91 -4.99
N ARG A 143 24.68 -15.47 -6.15
CA ARG A 143 24.78 -14.74 -7.40
C ARG A 143 23.36 -14.44 -7.95
N GLU A 144 22.41 -15.42 -7.82
CA GLU A 144 21.00 -15.26 -8.20
C GLU A 144 20.31 -14.20 -7.33
N ILE A 145 20.50 -14.25 -6.01
CA ILE A 145 19.90 -13.30 -5.05
C ILE A 145 20.42 -11.89 -5.33
N GLY A 146 21.73 -11.76 -5.52
CA GLY A 146 22.39 -10.50 -5.85
C GLY A 146 21.82 -9.87 -7.10
N PHE A 147 21.61 -10.70 -8.15
CA PHE A 147 21.00 -10.27 -9.41
C PHE A 147 19.57 -9.77 -9.17
N ALA A 148 18.78 -10.51 -8.37
CA ALA A 148 17.38 -10.16 -8.04
C ALA A 148 17.27 -8.86 -7.25
N ILE A 149 18.06 -8.70 -6.18
CA ILE A 149 18.07 -7.53 -5.30
C ILE A 149 18.71 -6.28 -5.94
N GLY A 150 19.69 -6.47 -6.82
CA GLY A 150 20.40 -5.39 -7.48
C GLY A 150 21.73 -5.06 -6.81
N MET A 151 22.13 -5.82 -5.78
CA MET A 151 23.39 -5.59 -5.08
C MET A 151 24.04 -6.90 -4.67
N PRO A 152 25.39 -7.00 -4.60
CA PRO A 152 25.99 -8.28 -4.19
C PRO A 152 25.78 -8.61 -2.71
N VAL A 153 25.43 -9.87 -2.44
CA VAL A 153 25.15 -10.45 -1.13
C VAL A 153 26.35 -10.24 -0.15
N CYS A 154 27.60 -10.26 -0.67
CA CYS A 154 28.83 -10.02 0.11
C CYS A 154 28.79 -8.67 0.84
N GLU A 155 28.09 -7.66 0.28
CA GLU A 155 27.91 -6.33 0.87
C GLU A 155 27.20 -6.36 2.22
N PHE A 156 26.28 -7.33 2.41
CA PHE A 156 25.59 -7.54 3.67
C PHE A 156 26.55 -8.14 4.68
N ASP A 157 27.29 -9.22 4.29
CA ASP A 157 28.30 -9.91 5.10
C ASP A 157 29.37 -8.96 5.70
N MET A 158 29.65 -7.82 5.02
CA MET A 158 30.62 -6.79 5.40
C MET A 158 30.04 -5.79 6.42
N VAL A 159 28.71 -5.80 6.64
CA VAL A 159 28.08 -4.89 7.61
C VAL A 159 28.46 -5.31 9.03
N LYS A 160 29.12 -4.40 9.75
CA LYS A 160 29.57 -4.63 11.12
C LYS A 160 28.43 -4.64 12.14
N ASP A 161 27.38 -3.82 11.91
CA ASP A 161 26.20 -3.66 12.79
C ASP A 161 25.63 -4.99 13.29
N PRO A 162 25.68 -5.26 14.62
CA PRO A 162 25.14 -6.54 15.14
C PRO A 162 23.64 -6.74 14.87
N GLU A 163 22.88 -5.64 14.78
CA GLU A 163 21.46 -5.71 14.46
C GLU A 163 21.20 -6.32 13.07
N VAL A 164 22.03 -5.96 12.09
CA VAL A 164 21.94 -6.42 10.73
C VAL A 164 22.23 -7.91 10.69
N GLN A 165 23.29 -8.35 11.39
CA GLN A 165 23.72 -9.74 11.40
C GLN A 165 22.75 -10.61 12.17
N ASP A 166 22.13 -10.06 13.24
CA ASP A 166 21.12 -10.77 14.00
C ASP A 166 19.84 -10.91 13.16
N PHE A 167 19.52 -9.89 12.33
CA PHE A 167 18.34 -9.94 11.48
C PHE A 167 18.50 -11.08 10.49
N ARG A 168 19.62 -11.11 9.76
CA ARG A 168 19.94 -12.14 8.76
C ARG A 168 19.82 -13.53 9.33
N ARG A 169 20.28 -13.72 10.55
CA ARG A 169 20.20 -15.00 11.21
C ARG A 169 18.78 -15.34 11.69
N ASN A 170 18.19 -14.50 12.57
CA ASN A 170 16.91 -14.74 13.24
C ASN A 170 15.71 -14.81 12.34
N ILE A 171 15.70 -14.07 11.23
CA ILE A 171 14.57 -14.13 10.31
C ILE A 171 14.40 -15.51 9.66
N LEU A 172 15.48 -16.31 9.55
CA LEU A 172 15.49 -17.63 8.91
C LEU A 172 14.48 -18.62 9.49
N ASN A 173 13.90 -18.38 10.71
CA ASN A 173 12.89 -19.28 11.25
C ASN A 173 11.55 -19.07 10.54
N VAL A 174 11.26 -17.82 10.10
CA VAL A 174 10.08 -17.49 9.30
C VAL A 174 10.19 -18.28 7.95
N CYS A 175 11.39 -18.31 7.34
CA CYS A 175 11.72 -19.03 6.12
C CYS A 175 11.46 -20.52 6.32
N LYS A 176 11.92 -21.08 7.47
CA LYS A 176 11.75 -22.48 7.82
C LYS A 176 10.27 -22.81 8.04
N GLU A 177 9.53 -21.98 8.82
CA GLU A 177 8.09 -22.24 9.06
C GLU A 177 7.27 -22.31 7.76
N ALA A 178 7.52 -21.35 6.83
CA ALA A 178 6.87 -21.21 5.54
C ALA A 178 7.14 -22.38 4.61
N VAL A 179 8.40 -22.85 4.57
CA VAL A 179 8.82 -24.01 3.75
C VAL A 179 8.17 -25.27 4.34
N ASP A 180 8.08 -25.38 5.69
CA ASP A 180 7.41 -26.53 6.33
C ASP A 180 5.91 -26.62 5.90
N LEU A 181 5.21 -25.45 5.87
CA LEU A 181 3.81 -25.30 5.45
C LEU A 181 3.56 -25.72 4.00
N ARG A 182 4.55 -25.48 3.13
CA ARG A 182 4.52 -25.86 1.71
C ARG A 182 4.77 -27.37 1.50
N ASP A 183 5.59 -28.02 2.32
CA ASP A 183 5.77 -29.44 2.12
C ASP A 183 4.96 -30.24 3.15
N LEU A 184 3.83 -29.67 3.62
CA LEU A 184 2.92 -30.29 4.57
C LEU A 184 1.99 -31.28 3.89
N ASN A 185 1.44 -30.93 2.70
CA ASN A 185 0.56 -31.82 1.92
C ASN A 185 0.94 -31.81 0.44
N SER A 186 2.21 -32.19 0.17
CA SER A 186 2.79 -32.22 -1.16
C SER A 186 2.16 -33.33 -2.01
N PRO A 187 1.86 -33.11 -3.32
CA PRO A 187 2.14 -31.92 -4.13
C PRO A 187 1.10 -30.79 -4.05
N HIS A 188 -0.11 -31.09 -3.53
CA HIS A 188 -1.19 -30.11 -3.40
C HIS A 188 -0.76 -28.80 -2.72
N SER A 189 -0.12 -28.89 -1.54
CA SER A 189 0.32 -27.71 -0.77
C SER A 189 1.36 -26.84 -1.51
N ARG A 190 2.15 -27.44 -2.42
CA ARG A 190 3.15 -26.75 -3.24
C ARG A 190 2.41 -26.00 -4.36
N ALA A 191 1.40 -26.67 -4.98
CA ALA A 191 0.52 -26.12 -6.03
C ALA A 191 -0.32 -24.96 -5.46
N MET A 192 -0.78 -25.08 -4.21
CA MET A 192 -1.56 -24.03 -3.53
C MET A 192 -0.70 -22.78 -3.27
N TYR A 193 0.60 -22.98 -3.01
CA TYR A 193 1.56 -21.89 -2.81
C TYR A 193 1.79 -21.16 -4.15
N VAL A 194 2.10 -21.92 -5.23
CA VAL A 194 2.39 -21.40 -6.55
C VAL A 194 1.16 -20.76 -7.23
N TYR A 195 0.01 -21.47 -7.19
CA TYR A 195 -1.24 -21.06 -7.80
C TYR A 195 -2.32 -20.88 -6.74
N PRO A 196 -2.23 -19.84 -5.87
CA PRO A 196 -3.26 -19.70 -4.82
C PRO A 196 -4.62 -19.35 -5.42
N PRO A 197 -5.72 -19.79 -4.84
CA PRO A 197 -7.03 -19.43 -5.38
C PRO A 197 -7.18 -17.92 -5.36
N ASN A 198 -7.62 -17.37 -6.49
CA ASN A 198 -7.86 -15.94 -6.64
C ASN A 198 -9.34 -15.77 -6.30
N VAL A 199 -9.59 -15.64 -5.01
CA VAL A 199 -10.94 -15.59 -4.47
C VAL A 199 -11.31 -14.28 -3.78
N GLU A 200 -12.62 -14.00 -3.73
CA GLU A 200 -13.22 -12.87 -3.02
C GLU A 200 -13.20 -13.20 -1.53
N SER A 201 -13.31 -12.19 -0.66
CA SER A 201 -13.31 -12.46 0.78
C SER A 201 -14.56 -13.19 1.26
N SER A 202 -15.73 -12.87 0.67
CA SER A 202 -16.99 -13.50 1.05
C SER A 202 -17.68 -14.27 -0.10
N PRO A 203 -18.28 -15.46 0.17
CA PRO A 203 -19.03 -16.17 -0.88
C PRO A 203 -20.41 -15.56 -1.16
N GLU A 204 -20.83 -14.55 -0.36
CA GLU A 204 -22.12 -13.84 -0.47
C GLU A 204 -22.19 -12.91 -1.69
N LEU A 205 -23.20 -13.11 -2.55
CA LEU A 205 -23.38 -12.29 -3.75
C LEU A 205 -24.37 -11.14 -3.52
N PRO A 206 -23.96 -9.87 -3.81
CA PRO A 206 -24.91 -8.75 -3.63
C PRO A 206 -26.12 -8.89 -4.55
N LYS A 207 -27.31 -8.49 -4.07
CA LYS A 207 -28.61 -8.57 -4.74
C LYS A 207 -28.53 -8.33 -6.26
N HIS A 208 -27.98 -7.19 -6.70
CA HIS A 208 -27.87 -6.85 -8.13
C HIS A 208 -27.02 -7.87 -8.93
N ILE A 209 -25.96 -8.45 -8.31
CA ILE A 209 -25.07 -9.45 -8.91
C ILE A 209 -25.76 -10.83 -8.96
N TYR A 210 -26.39 -11.27 -7.85
CA TYR A 210 -27.13 -12.53 -7.78
C TYR A 210 -28.30 -12.55 -8.78
N ASN A 211 -29.01 -11.41 -8.93
CA ASN A 211 -30.15 -11.28 -9.86
C ASN A 211 -29.70 -11.32 -11.33
N LYS A 212 -28.36 -11.23 -11.59
CA LYS A 212 -27.77 -11.33 -12.93
C LYS A 212 -27.70 -12.78 -13.40
N LEU A 213 -27.87 -13.73 -12.45
CA LEU A 213 -27.92 -15.18 -12.68
C LEU A 213 -29.36 -15.59 -13.02
N ASP A 214 -29.51 -16.65 -13.82
CA ASP A 214 -30.80 -17.22 -14.24
C ASP A 214 -31.23 -18.27 -13.20
N LYS A 215 -31.99 -17.81 -12.18
CA LYS A 215 -32.51 -18.57 -11.02
C LYS A 215 -31.33 -19.14 -10.17
N GLY A 216 -30.34 -18.28 -9.93
CA GLY A 216 -29.13 -18.59 -9.18
C GLY A 216 -28.18 -19.51 -9.93
N GLN A 217 -28.37 -19.60 -11.28
CA GLN A 217 -27.56 -20.47 -12.14
C GLN A 217 -26.76 -19.70 -13.17
N ILE A 218 -25.56 -20.23 -13.48
CA ILE A 218 -24.61 -19.69 -14.45
C ILE A 218 -24.31 -20.70 -15.58
N ILE A 219 -24.12 -20.17 -16.82
CA ILE A 219 -23.69 -20.92 -18.00
C ILE A 219 -22.14 -20.91 -17.97
N VAL A 220 -21.50 -22.08 -18.11
CA VAL A 220 -20.03 -22.19 -18.07
C VAL A 220 -19.57 -23.07 -19.24
N VAL A 221 -18.38 -22.77 -19.81
CA VAL A 221 -17.80 -23.57 -20.90
C VAL A 221 -16.58 -24.31 -20.41
N ILE A 222 -16.64 -25.64 -20.45
CA ILE A 222 -15.52 -26.49 -20.05
C ILE A 222 -14.87 -27.05 -21.28
N TRP A 223 -13.56 -26.79 -21.42
CA TRP A 223 -12.76 -27.24 -22.54
C TRP A 223 -11.93 -28.43 -22.15
N VAL A 224 -11.91 -29.40 -23.05
CA VAL A 224 -11.18 -30.65 -22.90
C VAL A 224 -10.29 -30.82 -24.13
N ILE A 225 -8.97 -30.83 -23.91
CA ILE A 225 -7.97 -31.11 -24.95
C ILE A 225 -7.90 -32.64 -25.02
N VAL A 226 -8.16 -33.20 -26.22
CA VAL A 226 -8.24 -34.64 -26.43
C VAL A 226 -7.12 -35.22 -27.32
N SER A 227 -6.43 -34.35 -28.10
CA SER A 227 -5.35 -34.80 -29.00
C SER A 227 -4.08 -33.99 -28.80
N ASP A 231 -6.57 -31.35 -30.31
CA ASP A 231 -7.95 -30.95 -30.56
C ASP A 231 -8.62 -30.38 -29.31
N LYS A 232 -9.53 -29.42 -29.50
CA LYS A 232 -10.24 -28.74 -28.41
C LYS A 232 -11.74 -28.99 -28.49
N GLN A 233 -12.28 -29.73 -27.51
CA GLN A 233 -13.71 -30.04 -27.39
C GLN A 233 -14.30 -29.20 -26.27
N LYS A 234 -15.43 -28.53 -26.53
CA LYS A 234 -16.11 -27.69 -25.54
C LYS A 234 -17.40 -28.32 -25.06
N TYR A 235 -17.76 -28.10 -23.79
CA TYR A 235 -18.98 -28.64 -23.19
C TYR A 235 -19.61 -27.54 -22.36
N THR A 236 -20.81 -27.08 -22.79
CA THR A 236 -21.55 -26.00 -22.14
C THR A 236 -22.39 -26.53 -20.96
N LEU A 237 -22.21 -25.94 -19.76
CA LEU A 237 -22.89 -26.37 -18.53
C LEU A 237 -23.71 -25.29 -17.91
N LYS A 238 -24.93 -25.60 -17.47
CA LYS A 238 -25.78 -24.68 -16.73
C LYS A 238 -25.82 -25.28 -15.34
N ILE A 239 -25.16 -24.63 -14.41
CA ILE A 239 -25.00 -25.11 -13.04
C ILE A 239 -25.24 -23.98 -12.02
N ASN A 240 -25.48 -24.34 -10.74
CA ASN A 240 -25.68 -23.37 -9.66
C ASN A 240 -24.37 -22.59 -9.47
N HIS A 241 -24.46 -21.32 -9.07
CA HIS A 241 -23.30 -20.46 -8.88
C HIS A 241 -22.37 -20.95 -7.76
N ASP A 242 -22.94 -21.59 -6.73
CA ASP A 242 -22.23 -22.07 -5.54
C ASP A 242 -21.64 -23.49 -5.68
N CYS A 243 -21.54 -24.00 -6.92
CA CYS A 243 -20.96 -25.32 -7.21
C CYS A 243 -19.45 -25.33 -6.90
N VAL A 244 -18.97 -26.43 -6.34
CA VAL A 244 -17.57 -26.62 -6.00
C VAL A 244 -16.86 -27.10 -7.29
N PRO A 245 -15.56 -26.76 -7.57
CA PRO A 245 -14.93 -27.21 -8.82
C PRO A 245 -15.09 -28.70 -9.14
N GLU A 246 -15.10 -29.57 -8.11
CA GLU A 246 -15.30 -31.02 -8.24
C GLU A 246 -16.68 -31.38 -8.83
N GLN A 247 -17.71 -30.54 -8.57
CA GLN A 247 -19.06 -30.73 -9.11
C GLN A 247 -19.06 -30.39 -10.61
N VAL A 248 -18.41 -29.27 -10.97
CA VAL A 248 -18.27 -28.73 -12.33
C VAL A 248 -17.55 -29.76 -13.22
N ILE A 249 -16.44 -30.35 -12.70
CA ILE A 249 -15.65 -31.40 -13.37
C ILE A 249 -16.55 -32.62 -13.65
N ALA A 250 -17.34 -33.07 -12.66
CA ALA A 250 -18.24 -34.22 -12.78
C ALA A 250 -19.36 -33.97 -13.80
N GLU A 251 -19.88 -32.73 -13.83
CA GLU A 251 -20.91 -32.34 -14.80
C GLU A 251 -20.30 -32.32 -16.22
N ALA A 252 -19.04 -31.87 -16.34
CA ALA A 252 -18.29 -31.86 -17.62
C ALA A 252 -18.01 -33.29 -18.12
N ILE A 253 -17.67 -34.24 -17.21
CA ILE A 253 -17.41 -35.64 -17.56
C ILE A 253 -18.77 -36.33 -17.89
N ARG A 254 -19.87 -35.86 -17.25
CA ARG A 254 -21.21 -36.39 -17.56
C ARG A 254 -21.62 -36.03 -19.00
N LYS A 255 -21.37 -34.77 -19.43
N LYS A 255 -21.37 -34.77 -19.42
CA LYS A 255 -21.67 -34.29 -20.77
CA LYS A 255 -21.67 -34.28 -20.77
C LYS A 255 -20.80 -34.98 -21.82
C LYS A 255 -20.80 -34.98 -21.82
N LYS A 256 -19.50 -35.18 -21.50
CA LYS A 256 -18.54 -35.85 -22.38
C LYS A 256 -18.92 -37.36 -22.56
N THR A 257 -19.48 -37.98 -21.50
CA THR A 257 -19.95 -39.37 -21.49
C THR A 257 -21.28 -39.48 -22.24
N ARG A 258 -22.22 -38.51 -22.07
CA ARG A 258 -23.52 -38.47 -22.77
C ARG A 258 -23.34 -38.38 -24.29
N SER A 259 -22.15 -37.89 -24.73
CA SER A 259 -21.72 -37.78 -26.13
C SER A 259 -21.45 -39.15 -26.78
N MET A 260 -21.48 -40.24 -25.98
CA MET A 260 -21.25 -41.62 -26.45
C MET A 260 -22.58 -42.37 -26.55
N TYR A 274 -11.53 -40.46 -11.33
CA TYR A 274 -11.78 -39.62 -12.49
C TYR A 274 -12.04 -38.14 -12.14
N GLN A 275 -12.98 -37.87 -11.21
CA GLN A 275 -13.33 -36.50 -10.78
C GLN A 275 -12.16 -35.78 -10.08
N GLY A 276 -11.51 -36.49 -9.14
CA GLY A 276 -10.36 -36.00 -8.39
C GLY A 276 -9.03 -36.25 -9.08
N LYS A 277 -9.06 -36.48 -10.41
CA LYS A 277 -7.89 -36.71 -11.26
C LYS A 277 -7.74 -35.52 -12.24
N TYR A 278 -8.51 -34.45 -11.99
CA TYR A 278 -8.54 -33.22 -12.79
C TYR A 278 -8.65 -31.97 -11.93
N ILE A 279 -8.33 -30.83 -12.55
CA ILE A 279 -8.39 -29.47 -12.00
C ILE A 279 -8.85 -28.50 -13.08
N LEU A 280 -9.59 -27.44 -12.67
CA LEU A 280 -10.07 -26.41 -13.58
C LEU A 280 -9.12 -25.25 -13.61
N LYS A 281 -8.79 -24.87 -14.83
CA LYS A 281 -7.88 -23.79 -15.18
C LYS A 281 -8.65 -22.74 -15.99
N VAL A 282 -8.33 -21.44 -15.80
CA VAL A 282 -8.94 -20.38 -16.63
C VAL A 282 -8.23 -20.47 -18.00
N CYS A 283 -9.00 -20.58 -19.12
CA CYS A 283 -8.46 -20.59 -20.49
C CYS A 283 -7.73 -19.29 -20.73
N GLY A 284 -6.49 -19.37 -21.18
CA GLY A 284 -5.73 -18.17 -21.51
C GLY A 284 -4.71 -17.67 -20.51
N CYS A 285 -4.79 -18.10 -19.24
CA CYS A 285 -3.81 -17.70 -18.22
C CYS A 285 -3.56 -18.79 -17.20
N ASP A 286 -2.46 -18.66 -16.44
CA ASP A 286 -2.12 -19.64 -15.42
C ASP A 286 -2.81 -19.35 -14.11
N GLU A 287 -4.15 -19.44 -14.11
CA GLU A 287 -5.06 -19.24 -12.97
C GLU A 287 -5.78 -20.59 -12.82
N TYR A 288 -5.73 -21.17 -11.62
CA TYR A 288 -6.28 -22.48 -11.33
C TYR A 288 -7.27 -22.44 -10.17
N PHE A 289 -8.20 -23.42 -10.16
CA PHE A 289 -9.25 -23.55 -9.15
C PHE A 289 -8.95 -24.78 -8.30
N LEU A 290 -7.79 -24.77 -7.63
CA LEU A 290 -7.30 -25.86 -6.80
C LEU A 290 -8.06 -26.12 -5.47
N GLU A 291 -8.71 -25.08 -4.90
CA GLU A 291 -9.43 -25.22 -3.63
C GLU A 291 -10.96 -25.23 -3.82
N LYS A 292 -11.63 -26.04 -2.97
CA LYS A 292 -13.08 -26.29 -2.95
C LYS A 292 -13.91 -25.09 -2.46
N TYR A 293 -13.89 -23.98 -3.21
CA TYR A 293 -14.68 -22.78 -2.91
C TYR A 293 -15.97 -22.79 -3.75
N PRO A 294 -17.05 -22.05 -3.38
CA PRO A 294 -18.21 -21.94 -4.31
C PRO A 294 -17.68 -21.21 -5.56
N LEU A 295 -17.99 -21.72 -6.75
CA LEU A 295 -17.49 -21.19 -8.02
C LEU A 295 -17.59 -19.66 -8.15
N SER A 296 -18.69 -19.05 -7.66
CA SER A 296 -18.92 -17.60 -7.75
C SER A 296 -17.97 -16.76 -6.85
N GLN A 297 -17.24 -17.42 -5.92
CA GLN A 297 -16.29 -16.75 -5.01
C GLN A 297 -14.95 -16.48 -5.70
N TYR A 298 -14.69 -17.15 -6.83
CA TYR A 298 -13.49 -16.93 -7.61
C TYR A 298 -13.67 -15.63 -8.39
N LYS A 299 -12.69 -14.71 -8.28
CA LYS A 299 -12.68 -13.39 -8.92
C LYS A 299 -12.97 -13.43 -10.41
N TYR A 300 -12.44 -14.42 -11.12
CA TYR A 300 -12.69 -14.61 -12.54
C TYR A 300 -14.21 -14.79 -12.79
N ILE A 301 -14.86 -15.70 -12.04
CA ILE A 301 -16.28 -16.02 -12.19
C ILE A 301 -17.15 -14.82 -11.81
N ARG A 302 -16.91 -14.20 -10.63
CA ARG A 302 -17.67 -13.04 -10.18
C ARG A 302 -17.61 -11.91 -11.19
N SER A 303 -16.41 -11.71 -11.81
CA SER A 303 -16.20 -10.74 -12.88
C SER A 303 -17.04 -11.12 -14.11
N CYS A 304 -17.09 -12.42 -14.49
CA CYS A 304 -17.89 -12.88 -15.65
C CYS A 304 -19.37 -12.57 -15.45
N ILE A 305 -19.93 -12.91 -14.27
CA ILE A 305 -21.35 -12.66 -13.92
C ILE A 305 -21.68 -11.17 -14.07
N MET A 306 -20.88 -10.29 -13.45
CA MET A 306 -21.04 -8.84 -13.48
C MET A 306 -20.97 -8.20 -14.87
N LEU A 307 -20.15 -8.77 -15.79
CA LEU A 307 -19.92 -8.22 -17.12
C LEU A 307 -20.72 -8.86 -18.24
N GLY A 308 -21.58 -9.82 -17.90
CA GLY A 308 -22.39 -10.56 -18.86
C GLY A 308 -21.48 -11.36 -19.79
N ARG A 309 -20.43 -11.94 -19.22
CA ARG A 309 -19.43 -12.72 -19.94
C ARG A 309 -19.60 -14.22 -19.74
N MET A 310 -19.00 -15.00 -20.65
CA MET A 310 -19.03 -16.45 -20.63
C MET A 310 -17.72 -16.99 -20.01
N PRO A 311 -17.78 -17.63 -18.82
CA PRO A 311 -16.54 -18.17 -18.21
C PRO A 311 -16.04 -19.35 -19.02
N ASN A 312 -14.77 -19.28 -19.42
CA ASN A 312 -14.15 -20.33 -20.22
C ASN A 312 -13.09 -21.03 -19.41
N LEU A 313 -13.43 -22.22 -18.92
CA LEU A 313 -12.52 -23.03 -18.10
C LEU A 313 -12.00 -24.24 -18.85
N MET A 314 -10.85 -24.74 -18.46
CA MET A 314 -10.20 -25.88 -19.09
C MET A 314 -9.95 -26.97 -18.07
N LEU A 315 -10.25 -28.20 -18.44
CA LEU A 315 -10.04 -29.38 -17.61
C LEU A 315 -8.60 -29.80 -17.81
N MET A 316 -7.85 -29.90 -16.72
CA MET A 316 -6.45 -30.25 -16.81
C MET A 316 -6.14 -31.38 -15.87
N ALA A 317 -5.27 -32.30 -16.27
CA ALA A 317 -4.91 -33.42 -15.38
C ALA A 317 -3.99 -32.91 -14.26
N LYS A 318 -4.32 -33.28 -13.00
CA LYS A 318 -3.55 -32.91 -11.81
C LYS A 318 -2.06 -33.16 -11.99
N GLU A 319 -1.68 -34.32 -12.59
CA GLU A 319 -0.29 -34.68 -12.83
C GLU A 319 0.39 -33.83 -13.92
N SER A 320 -0.37 -33.24 -14.84
CA SER A 320 0.19 -32.35 -15.86
C SER A 320 0.64 -31.04 -15.19
N LEU A 321 -0.02 -30.68 -14.07
CA LEU A 321 0.31 -29.50 -13.30
C LEU A 321 1.39 -29.84 -12.28
N TYR A 322 1.16 -30.93 -11.49
CA TYR A 322 2.06 -31.40 -10.44
C TYR A 322 3.47 -31.64 -10.94
N SER A 323 3.63 -32.31 -12.09
CA SER A 323 4.95 -32.60 -12.67
C SER A 323 5.69 -31.34 -13.10
N GLN A 324 4.94 -30.27 -13.44
CA GLN A 324 5.49 -28.99 -13.87
C GLN A 324 5.92 -28.10 -12.70
N LEU A 325 5.54 -28.46 -11.44
CA LEU A 325 5.90 -27.70 -10.24
C LEU A 325 7.19 -28.28 -9.64
N PRO A 326 8.36 -27.62 -9.84
CA PRO A 326 9.62 -28.19 -9.31
C PRO A 326 9.72 -28.24 -7.80
N MET A 327 10.29 -29.34 -7.31
CA MET A 327 10.50 -29.60 -5.90
C MET A 327 11.84 -28.95 -5.55
N ASP A 328 11.78 -27.83 -4.83
CA ASP A 328 12.97 -27.11 -4.38
C ASP A 328 13.24 -27.48 -2.94
N CYS A 329 14.52 -27.47 -2.56
CA CYS A 329 14.97 -27.76 -1.20
C CYS A 329 15.58 -26.49 -0.65
N PHE A 330 15.01 -25.97 0.44
CA PHE A 330 15.50 -24.76 1.08
C PHE A 330 16.75 -25.18 1.88
N THR A 331 17.87 -24.48 1.64
CA THR A 331 19.12 -24.75 2.33
C THR A 331 19.45 -23.57 3.26
N MET A 332 19.80 -23.86 4.53
CA MET A 332 20.18 -22.84 5.51
C MET A 332 21.53 -22.26 5.09
N PRO A 333 21.67 -20.92 4.98
CA PRO A 333 22.94 -20.32 4.55
C PRO A 333 24.09 -20.39 5.56
N SER A 334 25.34 -20.12 5.11
CA SER A 334 26.57 -20.11 5.92
C SER A 334 26.44 -19.27 7.19
N TYR A 335 25.70 -18.14 7.10
CA TYR A 335 25.52 -17.23 8.23
C TYR A 335 24.46 -17.72 9.28
N SER A 336 23.87 -18.93 9.09
CA SER A 336 22.94 -19.53 10.06
C SER A 336 23.77 -19.95 11.27
N ARG A 337 24.96 -20.52 10.99
CA ARG A 337 25.92 -20.99 11.98
C ARG A 337 26.83 -19.84 12.48
N ARG A 338 26.35 -19.12 13.52
CA ARG A 338 27.09 -18.03 14.21
C ARG A 338 28.17 -18.69 15.08
N THR A 350 31.46 -3.40 35.81
CA THR A 350 30.14 -3.11 35.22
C THR A 350 29.08 -4.13 35.68
N SER A 351 27.79 -3.85 35.40
CA SER A 351 26.63 -4.69 35.75
C SER A 351 25.47 -4.43 34.76
N THR A 352 24.27 -5.01 35.00
CA THR A 352 23.06 -4.80 34.20
C THR A 352 21.95 -4.27 35.13
N LYS A 353 21.49 -3.02 34.92
CA LYS A 353 20.43 -2.45 35.76
C LYS A 353 19.19 -2.10 34.96
N SER A 354 18.02 -2.12 35.62
CA SER A 354 16.76 -1.75 35.00
C SER A 354 16.66 -0.24 34.92
N LEU A 355 16.01 0.25 33.85
CA LEU A 355 15.79 1.66 33.57
C LEU A 355 15.08 2.38 34.73
N TRP A 356 14.14 1.69 35.38
CA TRP A 356 13.31 2.19 36.46
C TRP A 356 14.04 2.37 37.78
N VAL A 357 15.33 2.00 37.80
CA VAL A 357 16.18 2.08 38.98
C VAL A 357 17.12 3.29 38.87
N ILE A 358 17.16 3.93 37.69
CA ILE A 358 18.02 5.09 37.46
C ILE A 358 17.34 6.40 37.86
N ASN A 359 17.58 6.85 39.11
CA ASN A 359 17.06 8.10 39.66
C ASN A 359 17.90 9.27 39.12
N SER A 360 17.73 9.57 37.82
CA SER A 360 18.45 10.63 37.10
C SER A 360 17.63 11.26 35.96
N ALA A 361 17.90 12.53 35.65
CA ALA A 361 17.24 13.26 34.56
C ALA A 361 17.99 13.03 33.24
N LEU A 362 17.30 13.18 32.12
CA LEU A 362 17.93 12.92 30.84
C LEU A 362 18.84 14.07 30.38
N ARG A 363 20.05 13.69 30.01
CA ARG A 363 21.06 14.59 29.49
C ARG A 363 21.80 13.90 28.37
N ILE A 364 22.13 14.69 27.32
CA ILE A 364 22.86 14.25 26.13
C ILE A 364 23.86 15.35 25.78
N LYS A 365 25.10 14.95 25.42
CA LYS A 365 26.17 15.85 25.01
C LYS A 365 26.29 15.94 23.49
N ILE A 366 26.28 17.16 22.96
CA ILE A 366 26.52 17.45 21.56
C ILE A 366 28.01 17.81 21.54
N LEU A 367 28.84 17.01 20.85
CA LEU A 367 30.27 17.32 20.85
C LEU A 367 30.63 18.30 19.71
N CYS A 368 30.70 17.79 18.48
CA CYS A 368 31.06 18.56 17.30
C CYS A 368 30.39 17.98 16.05
N ALA A 369 30.51 18.71 14.94
CA ALA A 369 30.00 18.31 13.65
C ALA A 369 31.14 18.37 12.61
N THR A 370 31.26 17.31 11.81
CA THR A 370 32.22 17.21 10.70
C THR A 370 31.41 17.22 9.41
N TYR A 371 32.04 17.55 8.27
CA TYR A 371 31.42 17.65 6.94
C TYR A 371 30.35 18.74 6.88
N VAL A 372 30.54 19.84 7.61
CA VAL A 372 29.58 20.94 7.54
C VAL A 372 30.09 21.92 6.46
N ASN A 373 29.77 21.59 5.20
CA ASN A 373 30.18 22.38 4.05
C ASN A 373 29.00 23.22 3.57
N VAL A 374 29.12 24.54 3.77
CA VAL A 374 28.13 25.57 3.41
C VAL A 374 28.80 26.83 2.82
N ASN A 375 27.99 27.75 2.30
CA ASN A 375 28.45 29.03 1.73
C ASN A 375 28.60 30.02 2.90
N ILE A 376 29.83 30.49 3.16
CA ILE A 376 30.17 31.43 4.23
C ILE A 376 29.74 32.87 3.85
N ILE A 379 25.18 31.42 4.87
CA ILE A 379 25.20 30.73 6.16
C ILE A 379 26.29 31.32 7.06
N ASP A 380 25.95 31.64 8.33
CA ASP A 380 26.89 32.16 9.32
C ASP A 380 26.83 31.38 10.65
N LYS A 381 26.07 31.90 11.65
CA LYS A 381 25.93 31.27 12.97
C LYS A 381 24.92 30.12 13.01
N ILE A 382 25.42 28.90 13.33
CA ILE A 382 24.68 27.62 13.40
C ILE A 382 24.59 27.01 14.82
N TYR A 383 23.56 26.19 15.04
CA TYR A 383 23.35 25.49 16.31
C TYR A 383 22.68 24.14 16.10
N VAL A 384 22.71 23.29 17.14
CA VAL A 384 22.02 22.01 17.11
C VAL A 384 20.71 22.10 17.95
N ARG A 385 19.58 21.79 17.30
CA ARG A 385 18.24 21.75 17.90
C ARG A 385 17.94 20.28 18.24
N THR A 386 17.55 20.01 19.49
CA THR A 386 17.23 18.63 19.90
C THR A 386 15.84 18.56 20.56
N GLY A 387 15.25 17.36 20.53
CA GLY A 387 13.97 17.08 21.16
C GLY A 387 13.81 15.60 21.43
N ILE A 388 13.05 15.28 22.49
CA ILE A 388 12.75 13.90 22.82
C ILE A 388 11.35 13.62 22.35
N TYR A 389 11.19 12.64 21.42
CA TYR A 389 9.87 12.31 20.86
C TYR A 389 9.41 10.89 21.08
N HIS A 390 8.08 10.73 21.07
CA HIS A 390 7.43 9.44 21.06
C HIS A 390 6.50 9.55 19.86
N GLY A 391 6.92 8.98 18.74
CA GLY A 391 6.25 9.12 17.46
C GLY A 391 6.38 10.57 17.02
N GLY A 392 5.26 11.27 16.92
CA GLY A 392 5.27 12.69 16.59
C GLY A 392 5.12 13.58 17.81
N GLU A 393 4.76 12.98 18.97
CA GLU A 393 4.50 13.69 20.21
C GLU A 393 5.75 14.04 20.99
N PRO A 394 5.96 15.34 21.24
CA PRO A 394 7.13 15.75 22.05
C PRO A 394 6.94 15.29 23.51
N LEU A 395 8.02 14.72 24.10
CA LEU A 395 7.96 14.24 25.49
C LEU A 395 8.37 15.29 26.48
N CYS A 396 9.01 16.34 26.03
CA CYS A 396 9.43 17.47 26.87
C CYS A 396 9.66 18.66 25.92
N ASP A 397 10.18 19.78 26.43
CA ASP A 397 10.51 20.94 25.62
C ASP A 397 11.80 20.67 24.83
N ASN A 398 11.89 21.25 23.62
CA ASN A 398 13.07 21.14 22.75
C ASN A 398 14.22 21.93 23.33
N VAL A 399 15.44 21.35 23.33
CA VAL A 399 16.65 21.97 23.88
C VAL A 399 17.71 22.24 22.77
N ASN A 400 18.13 23.52 22.67
CA ASN A 400 19.12 24.02 21.71
C ASN A 400 20.49 24.20 22.33
N THR A 401 21.54 24.09 21.51
CA THR A 401 22.94 24.36 21.90
C THR A 401 23.16 25.87 21.78
N GLN A 402 24.33 26.38 22.20
CA GLN A 402 24.68 27.79 22.00
C GLN A 402 25.08 27.96 20.52
N ARG A 403 24.79 29.15 19.93
CA ARG A 403 25.12 29.49 18.54
C ARG A 403 26.63 29.45 18.36
N VAL A 404 27.07 28.94 17.21
CA VAL A 404 28.48 28.77 16.90
C VAL A 404 28.72 29.07 15.40
N PRO A 405 29.92 29.51 14.93
CA PRO A 405 30.09 29.77 13.49
C PRO A 405 30.22 28.47 12.70
N CYS A 406 29.64 28.42 11.48
CA CYS A 406 29.69 27.22 10.61
C CYS A 406 31.12 26.79 10.26
N SER A 407 32.07 27.74 10.29
CA SER A 407 33.49 27.56 10.01
C SER A 407 34.17 26.69 11.09
N ASN A 408 33.60 26.65 12.31
CA ASN A 408 34.09 25.85 13.45
C ASN A 408 32.87 25.30 14.24
N PRO A 409 32.29 24.14 13.82
CA PRO A 409 31.10 23.61 14.51
C PRO A 409 31.45 22.72 15.71
N ARG A 410 31.75 23.37 16.83
CA ARG A 410 32.13 22.73 18.08
C ARG A 410 31.25 23.27 19.19
N TRP A 411 30.63 22.37 19.96
CA TRP A 411 29.74 22.77 21.06
C TRP A 411 30.26 22.31 22.42
N ASN A 412 30.54 20.99 22.58
CA ASN A 412 30.99 20.36 23.84
C ASN A 412 30.11 20.86 25.00
N GLU A 413 28.82 20.56 24.88
CA GLU A 413 27.78 21.03 25.78
C GLU A 413 26.78 19.93 26.09
N TRP A 414 26.45 19.80 27.38
CA TRP A 414 25.42 18.86 27.85
C TRP A 414 24.12 19.60 27.75
N LEU A 415 23.11 18.93 27.21
CA LEU A 415 21.77 19.47 27.10
C LEU A 415 20.97 18.69 28.13
N ASN A 416 20.21 19.40 28.96
CA ASN A 416 19.37 18.85 30.02
C ASN A 416 17.92 18.85 29.58
N TYR A 417 17.24 17.73 29.78
CA TYR A 417 15.85 17.61 29.35
C TYR A 417 14.93 17.48 30.50
N ASP A 418 13.71 18.03 30.34
CA ASP A 418 12.72 17.96 31.39
C ASP A 418 12.04 16.58 31.39
N ILE A 419 12.83 15.53 31.64
CA ILE A 419 12.35 14.15 31.70
C ILE A 419 13.28 13.27 32.58
N TYR A 420 12.64 12.55 33.50
CA TYR A 420 13.20 11.57 34.41
C TYR A 420 13.46 10.31 33.55
N ILE A 421 14.70 9.74 33.61
CA ILE A 421 15.11 8.54 32.84
C ILE A 421 14.12 7.35 33.03
N PRO A 422 13.60 6.97 34.24
CA PRO A 422 12.60 5.88 34.30
C PRO A 422 11.27 6.19 33.57
N ASP A 423 11.03 7.45 33.22
CA ASP A 423 9.81 7.86 32.52
C ASP A 423 9.91 7.72 31.00
N LEU A 424 11.11 7.47 30.48
CA LEU A 424 11.33 7.31 29.06
C LEU A 424 10.57 6.12 28.45
N PRO A 425 9.62 6.36 27.52
CA PRO A 425 8.94 5.22 26.89
C PRO A 425 9.88 4.40 26.02
N ARG A 426 9.50 3.15 25.76
CA ARG A 426 10.24 2.19 24.95
C ARG A 426 10.62 2.71 23.57
N ALA A 427 9.67 3.40 22.88
CA ALA A 427 9.89 3.92 21.53
C ALA A 427 10.34 5.38 21.50
N ALA A 428 10.92 5.89 22.62
CA ALA A 428 11.42 7.28 22.66
C ALA A 428 12.62 7.44 21.74
N ARG A 429 12.70 8.61 21.10
CA ARG A 429 13.75 8.95 20.18
C ARG A 429 14.28 10.34 20.45
N LEU A 430 15.53 10.55 20.06
CA LEU A 430 16.17 11.85 20.10
C LEU A 430 16.03 12.34 18.66
N CYS A 431 15.36 13.47 18.48
CA CYS A 431 15.22 14.07 17.16
C CYS A 431 16.10 15.31 17.15
N LEU A 432 17.02 15.39 16.20
CA LEU A 432 17.91 16.53 16.12
C LEU A 432 18.06 17.12 14.72
N SER A 433 18.67 18.31 14.66
CA SER A 433 18.93 19.01 13.42
C SER A 433 19.89 20.15 13.62
N ILE A 434 20.73 20.43 12.61
CA ILE A 434 21.66 21.56 12.58
C ILE A 434 20.89 22.68 11.90
N CYS A 435 20.72 23.82 12.59
CA CYS A 435 19.96 24.96 12.10
C CYS A 435 20.83 26.19 11.93
N SER A 436 20.43 27.04 10.98
CA SER A 436 21.06 28.34 10.71
C SER A 436 20.06 29.42 11.18
N VAL A 437 20.53 30.67 11.38
CA VAL A 437 19.69 31.78 11.85
C VAL A 437 20.11 33.12 11.21
N GLU A 445 14.36 37.07 12.97
CA GLU A 445 15.34 36.01 12.67
C GLU A 445 14.73 34.86 11.89
N GLU A 446 15.33 34.53 10.74
CA GLU A 446 14.92 33.43 9.86
C GLU A 446 15.72 32.17 10.19
N HIS A 447 15.17 31.34 11.10
CA HIS A 447 15.78 30.07 11.48
C HIS A 447 15.53 29.08 10.35
N CYS A 448 16.58 28.39 9.90
CA CYS A 448 16.44 27.45 8.81
C CYS A 448 17.15 26.11 9.06
N PRO A 449 16.44 24.96 8.92
CA PRO A 449 17.12 23.68 9.13
C PRO A 449 18.09 23.40 7.99
N LEU A 450 19.28 22.89 8.30
CA LEU A 450 20.27 22.57 7.28
C LEU A 450 20.38 21.07 7.03
N ALA A 451 20.40 20.30 8.13
CA ALA A 451 20.51 18.84 8.15
C ALA A 451 19.76 18.30 9.38
N TRP A 452 19.15 17.11 9.26
CA TRP A 452 18.39 16.50 10.35
C TRP A 452 18.74 15.01 10.55
N GLY A 453 18.46 14.50 11.75
CA GLY A 453 18.73 13.12 12.12
C GLY A 453 17.93 12.74 13.35
N ASN A 454 17.46 11.47 13.42
CA ASN A 454 16.68 10.88 14.52
C ASN A 454 17.37 9.63 15.04
N ILE A 455 17.28 9.39 16.33
CA ILE A 455 17.92 8.21 16.91
C ILE A 455 17.04 7.57 17.93
N ASN A 456 17.06 6.24 18.00
CA ASN A 456 16.32 5.48 19.00
C ASN A 456 17.12 5.56 20.28
N LEU A 457 16.43 5.90 21.40
CA LEU A 457 17.12 6.01 22.70
C LEU A 457 17.46 4.63 23.27
N PHE A 458 16.74 3.58 22.81
CA PHE A 458 16.96 2.19 23.16
C PHE A 458 17.24 1.43 21.88
N ASP A 459 18.21 0.51 21.92
CA ASP A 459 18.55 -0.29 20.76
C ASP A 459 17.61 -1.53 20.69
N TYR A 460 17.86 -2.43 19.74
CA TYR A 460 17.05 -3.60 19.49
C TYR A 460 17.10 -4.63 20.58
N THR A 461 18.09 -4.52 21.47
CA THR A 461 18.28 -5.45 22.59
C THR A 461 17.65 -4.89 23.89
N ASP A 462 16.92 -3.73 23.78
CA ASP A 462 16.19 -3.00 24.83
C ASP A 462 17.13 -2.23 25.73
N THR A 463 18.35 -1.97 25.21
CA THR A 463 19.43 -1.28 25.89
C THR A 463 19.39 0.21 25.62
N LEU A 464 19.51 1.01 26.69
CA LEU A 464 19.57 2.43 26.62
C LEU A 464 20.91 2.83 26.01
N VAL A 465 20.90 3.82 25.13
CA VAL A 465 22.12 4.27 24.46
C VAL A 465 23.13 4.80 25.50
N SER A 466 24.41 4.39 25.35
CA SER A 466 25.52 4.78 26.22
C SER A 466 26.78 4.96 25.39
N GLY A 467 27.70 5.78 25.89
CA GLY A 467 28.98 6.02 25.25
C GLY A 467 28.94 7.06 24.16
N LYS A 468 29.92 7.01 23.28
CA LYS A 468 30.04 7.93 22.14
C LYS A 468 29.31 7.34 20.91
N MET A 469 28.85 8.22 20.02
CA MET A 469 28.14 7.83 18.81
C MET A 469 28.20 8.97 17.78
N ALA A 470 28.44 8.63 16.52
CA ALA A 470 28.47 9.60 15.43
C ALA A 470 27.27 9.35 14.53
N LEU A 471 26.47 10.39 14.31
CA LEU A 471 25.26 10.30 13.51
C LEU A 471 25.35 11.14 12.20
N ASN A 472 25.33 10.45 11.03
CA ASN A 472 25.32 11.09 9.72
C ASN A 472 23.91 11.55 9.40
N LEU A 473 23.77 12.85 9.12
CA LEU A 473 22.50 13.54 8.93
C LEU A 473 22.00 13.56 7.49
N TRP A 474 20.72 13.91 7.32
CA TRP A 474 19.99 13.91 6.06
C TRP A 474 19.70 15.32 5.55
N PRO A 475 19.56 15.51 4.21
CA PRO A 475 19.23 16.85 3.69
C PRO A 475 17.76 17.18 3.92
N VAL A 476 17.47 18.46 4.09
CA VAL A 476 16.12 18.97 4.34
C VAL A 476 15.15 18.76 3.14
N PRO A 477 13.96 18.15 3.36
CA PRO A 477 13.04 17.95 2.23
C PRO A 477 12.35 19.25 1.84
N HIS A 478 12.34 19.56 0.52
CA HIS A 478 11.71 20.76 -0.05
C HIS A 478 10.24 20.76 0.39
N GLY A 479 9.91 21.66 1.30
CA GLY A 479 8.59 21.78 1.89
C GLY A 479 8.59 21.84 3.40
N LEU A 480 9.58 21.18 4.05
CA LEU A 480 9.73 21.18 5.50
C LEU A 480 10.38 22.47 5.96
N GLU A 481 9.59 23.33 6.65
CA GLU A 481 10.05 24.60 7.22
C GLU A 481 10.36 24.40 8.72
N ASP A 482 9.81 23.29 9.29
CA ASP A 482 10.00 22.88 10.70
C ASP A 482 11.47 22.59 10.97
N LEU A 483 11.96 23.05 12.13
CA LEU A 483 13.36 22.90 12.52
C LEU A 483 13.72 21.45 12.82
N LEU A 484 12.82 20.69 13.47
CA LEU A 484 13.04 19.25 13.69
C LEU A 484 12.17 18.46 12.70
N ASN A 485 12.47 17.16 12.50
CA ASN A 485 11.74 16.29 11.58
C ASN A 485 11.47 14.91 12.25
N PRO A 486 10.60 14.86 13.31
CA PRO A 486 10.31 13.56 13.98
C PRO A 486 9.70 12.46 13.12
N ILE A 487 8.83 12.80 12.16
CA ILE A 487 8.19 11.80 11.30
C ILE A 487 9.16 11.37 10.15
N GLY A 488 10.40 11.88 10.17
CA GLY A 488 11.44 11.46 9.24
C GLY A 488 12.01 10.12 9.66
N VAL A 489 12.82 9.49 8.80
CA VAL A 489 13.48 8.21 9.12
C VAL A 489 14.43 8.33 10.34
N THR A 490 14.59 7.21 11.07
CA THR A 490 15.45 7.10 12.25
C THR A 490 16.70 6.33 11.88
N GLY A 491 17.85 6.78 12.38
CA GLY A 491 19.14 6.16 12.10
C GLY A 491 20.03 6.98 11.20
N SER A 492 21.31 6.61 11.19
CA SER A 492 22.38 7.25 10.43
C SER A 492 22.23 7.07 8.92
N ASN A 493 22.63 8.13 8.19
CA ASN A 493 22.62 8.23 6.74
C ASN A 493 23.71 7.31 6.21
N PRO A 494 23.38 6.33 5.31
CA PRO A 494 24.42 5.39 4.81
C PRO A 494 25.61 6.08 4.15
N ASN A 495 25.37 7.29 3.59
CA ASN A 495 26.41 8.10 2.95
C ASN A 495 27.18 8.83 4.07
N LYS A 496 28.48 8.53 4.16
CA LYS A 496 29.35 9.08 5.20
C LYS A 496 29.99 10.41 4.79
N GLU A 497 29.62 10.93 3.61
CA GLU A 497 30.14 12.20 3.10
C GLU A 497 29.05 13.26 3.27
N THR A 498 28.51 13.32 4.49
CA THR A 498 27.39 14.17 4.87
C THR A 498 27.67 14.76 6.25
N PRO A 499 27.01 15.88 6.67
CA PRO A 499 27.21 16.38 8.04
C PRO A 499 27.12 15.25 9.07
N CYS A 500 28.15 15.13 9.88
CA CYS A 500 28.27 14.07 10.89
C CYS A 500 28.46 14.68 12.25
N LEU A 501 27.44 14.51 13.08
CA LEU A 501 27.35 15.01 14.45
C LEU A 501 27.78 13.95 15.45
N GLU A 502 28.77 14.29 16.30
CA GLU A 502 29.26 13.43 17.36
C GLU A 502 28.50 13.73 18.62
N LEU A 503 27.91 12.70 19.23
CA LEU A 503 27.12 12.81 20.47
C LEU A 503 27.68 11.87 21.51
N GLU A 504 27.57 12.30 22.77
CA GLU A 504 27.97 11.48 23.90
C GLU A 504 26.77 11.34 24.84
N PHE A 505 26.50 10.10 25.21
CA PHE A 505 25.42 9.75 26.10
C PHE A 505 25.93 9.59 27.52
N ASP A 506 25.00 9.51 28.49
CA ASP A 506 25.32 9.39 29.90
C ASP A 506 25.95 8.03 30.23
N TRP A 507 26.72 7.96 31.32
CA TRP A 507 27.32 6.71 31.79
C TRP A 507 26.77 6.41 33.17
N PHE A 508 26.32 5.16 33.39
CA PHE A 508 25.74 4.74 34.66
C PHE A 508 26.52 3.59 35.35
N SER A 509 27.77 3.32 34.91
CA SER A 509 28.68 2.28 35.47
C SER A 509 28.11 0.85 35.35
N SER A 510 27.08 0.71 34.51
CA SER A 510 26.37 -0.53 34.17
C SER A 510 25.58 -0.35 32.85
N VAL A 511 25.20 -1.47 32.23
CA VAL A 511 24.37 -1.58 31.05
C VAL A 511 22.91 -1.39 31.52
N VAL A 512 22.18 -0.45 30.91
CA VAL A 512 20.80 -0.15 31.29
C VAL A 512 19.82 -0.80 30.32
N LYS A 513 18.86 -1.54 30.85
CA LYS A 513 17.85 -2.19 30.03
C LYS A 513 16.45 -1.80 30.44
N PHE A 514 15.56 -1.74 29.43
CA PHE A 514 14.14 -1.48 29.59
C PHE A 514 13.59 -2.67 30.39
N PRO A 515 12.76 -2.47 31.45
CA PRO A 515 12.28 -3.66 32.21
C PRO A 515 11.42 -4.62 31.39
N ASP A 516 11.44 -5.92 31.74
CA ASP A 516 10.69 -6.95 31.01
C ASP A 516 9.20 -6.88 31.38
N MET A 517 8.32 -7.64 30.67
CA MET A 517 6.87 -7.60 30.89
C MET A 517 6.44 -7.79 32.34
N SER A 518 6.98 -8.82 33.02
CA SER A 518 6.67 -9.14 34.42
C SER A 518 6.86 -7.94 35.38
N VAL A 519 7.97 -7.16 35.23
CA VAL A 519 8.23 -5.97 36.05
C VAL A 519 7.18 -4.88 35.73
N ILE A 520 6.88 -4.67 34.42
CA ILE A 520 5.87 -3.72 33.93
C ILE A 520 4.44 -4.07 34.45
N GLU A 521 4.08 -5.38 34.47
CA GLU A 521 2.78 -5.87 34.94
C GLU A 521 2.61 -5.71 36.44
N GLU A 522 3.65 -6.02 37.23
CA GLU A 522 3.70 -5.85 38.69
C GLU A 522 3.41 -4.37 38.99
N HIS A 523 4.05 -3.46 38.21
CA HIS A 523 3.91 -2.00 38.34
C HIS A 523 2.51 -1.52 37.98
N ALA A 524 1.97 -1.98 36.83
CA ALA A 524 0.60 -1.62 36.42
C ALA A 524 -0.41 -2.12 37.45
N ASN A 525 -0.29 -3.39 37.92
CA ASN A 525 -1.17 -3.92 38.97
C ASN A 525 -1.05 -3.15 40.28
N TRP A 526 0.16 -2.69 40.63
CA TRP A 526 0.37 -1.88 41.82
C TRP A 526 -0.39 -0.53 41.66
N SER A 527 -0.29 0.09 40.46
CA SER A 527 -0.93 1.39 40.13
C SER A 527 -2.45 1.31 40.12
N VAL A 528 -3.01 0.25 39.51
CA VAL A 528 -4.46 -0.01 39.41
C VAL A 528 -5.07 -0.13 40.83
N SER A 529 -4.43 -0.92 41.68
CA SER A 529 -4.83 -1.19 43.06
C SER A 529 -4.78 0.06 43.94
N ARG A 530 -3.70 0.84 43.80
CA ARG A 530 -3.48 2.11 44.49
C ARG A 530 -4.57 3.11 44.05
N GLU A 531 -4.89 3.19 42.73
CA GLU A 531 -5.96 4.08 42.23
C GLU A 531 -7.34 3.67 42.73
N ALA A 532 -7.59 2.37 42.85
CA ALA A 532 -8.88 1.83 43.33
C ALA A 532 -9.20 2.22 44.80
N GLY A 533 -8.18 2.60 45.56
CA GLY A 533 -8.32 3.02 46.93
C GLY A 533 -8.37 4.53 47.12
N PHE A 534 -8.32 5.30 46.02
CA PHE A 534 -8.33 6.78 46.07
C PHE A 534 -9.66 7.34 46.57
N SER A 535 -9.60 8.20 47.61
CA SER A 535 -10.76 8.91 48.14
C SER A 535 -11.32 9.89 47.07
N TYR A 536 -12.56 10.36 47.25
CA TYR A 536 -13.24 11.34 46.38
C TYR A 536 -12.35 12.58 46.14
N SER A 537 -11.81 13.15 47.23
CA SER A 537 -10.98 14.36 47.18
C SER A 537 -9.64 14.13 46.50
N HIS A 538 -9.08 12.93 46.60
CA HIS A 538 -7.84 12.61 45.93
C HIS A 538 -8.12 12.59 44.43
N ALA A 539 -9.19 11.88 43.99
CA ALA A 539 -9.57 11.81 42.55
C ALA A 539 -9.81 13.20 41.97
N GLY A 540 -10.37 14.11 42.78
CA GLY A 540 -10.60 15.51 42.42
C GLY A 540 -9.37 16.38 42.20
N LEU A 541 -8.17 15.88 42.52
CA LEU A 541 -6.93 16.62 42.31
C LEU A 541 -6.52 16.63 40.84
N SER A 542 -6.93 15.58 40.09
CA SER A 542 -6.60 15.41 38.66
C SER A 542 -7.82 14.98 37.85
N ASN A 543 -7.99 15.61 36.68
CA ASN A 543 -9.03 15.28 35.70
C ASN A 543 -8.71 13.96 35.00
N ARG A 544 -7.48 13.43 35.20
CA ARG A 544 -7.01 12.14 34.67
C ARG A 544 -7.34 11.01 35.63
N LEU A 545 -7.90 11.36 36.83
CA LEU A 545 -8.37 10.40 37.84
C LEU A 545 -9.88 10.54 37.96
N ALA A 546 -10.59 9.42 37.99
CA ALA A 546 -12.04 9.35 38.14
C ALA A 546 -12.39 8.14 39.01
N ARG A 547 -13.57 8.15 39.66
CA ARG A 547 -13.98 7.02 40.48
C ARG A 547 -14.97 6.14 39.73
N ASP A 548 -14.74 4.81 39.82
CA ASP A 548 -15.44 3.68 39.20
C ASP A 548 -16.96 3.85 39.08
N ASN A 549 -17.64 4.07 40.23
CA ASN A 549 -19.09 4.23 40.30
C ASN A 549 -19.61 5.54 39.66
N GLU A 550 -18.77 6.61 39.62
CA GLU A 550 -19.10 7.93 39.08
C GLU A 550 -19.09 8.02 37.53
N LEU A 551 -19.50 6.93 36.85
CA LEU A 551 -19.57 6.85 35.39
C LEU A 551 -21.04 6.80 34.94
N ARG A 552 -21.54 7.97 34.49
CA ARG A 552 -22.93 8.17 34.06
C ARG A 552 -23.15 7.75 32.59
N GLU A 553 -24.44 7.58 32.20
CA GLU A 553 -24.83 7.19 30.84
C GLU A 553 -24.46 8.28 29.81
N ASN A 554 -24.39 9.56 30.22
CA ASN A 554 -24.00 10.68 29.36
C ASN A 554 -22.51 10.56 29.01
N ASP A 555 -21.68 10.19 30.01
CA ASP A 555 -20.24 10.00 29.88
C ASP A 555 -19.94 8.92 28.84
N LYS A 556 -20.76 7.84 28.83
CA LYS A 556 -20.68 6.68 27.93
C LYS A 556 -21.11 7.07 26.54
N GLU A 557 -22.03 8.05 26.44
CA GLU A 557 -22.51 8.57 25.16
C GLU A 557 -21.44 9.39 24.46
N GLN A 558 -20.76 10.27 25.23
CA GLN A 558 -19.64 11.11 24.77
C GLN A 558 -18.48 10.23 24.30
N LEU A 559 -18.17 9.15 25.04
CA LEU A 559 -17.13 8.18 24.68
C LEU A 559 -17.44 7.55 23.32
N LYS A 560 -18.66 6.99 23.17
CA LYS A 560 -19.17 6.42 21.92
C LYS A 560 -19.11 7.47 20.78
N ALA A 561 -19.47 8.73 21.06
CA ALA A 561 -19.43 9.81 20.07
C ALA A 561 -17.98 10.10 19.64
N ILE A 562 -17.01 10.23 20.60
CA ILE A 562 -15.58 10.40 20.31
C ILE A 562 -15.04 9.30 19.37
N SER A 563 -15.39 8.02 19.62
CA SER A 563 -14.95 6.86 18.84
C SER A 563 -15.38 6.89 17.38
N THR A 564 -16.44 7.67 17.03
CA THR A 564 -16.93 7.75 15.65
C THR A 564 -16.16 8.76 14.82
N ARG A 565 -15.40 9.65 15.49
CA ARG A 565 -14.62 10.70 14.84
C ARG A 565 -13.51 10.09 14.00
N ASP A 566 -13.13 10.79 12.95
CA ASP A 566 -12.12 10.34 12.00
C ASP A 566 -10.72 10.52 12.59
N PRO A 567 -9.69 9.79 12.08
CA PRO A 567 -8.35 9.90 12.68
C PRO A 567 -7.66 11.26 12.57
N LEU A 568 -8.23 12.24 11.85
CA LEU A 568 -7.60 13.57 11.75
C LEU A 568 -8.39 14.63 12.55
N SER A 569 -9.41 14.17 13.28
CA SER A 569 -10.20 15.02 14.15
C SER A 569 -9.35 15.20 15.40
N GLU A 570 -9.10 16.47 15.77
CA GLU A 570 -8.30 16.84 16.94
C GLU A 570 -9.00 16.39 18.21
N ILE A 571 -8.24 15.80 19.11
CA ILE A 571 -8.79 15.36 20.41
C ILE A 571 -8.26 16.38 21.40
N THR A 572 -9.16 17.22 21.95
CA THR A 572 -8.77 18.26 22.92
C THR A 572 -8.17 17.63 24.17
N GLU A 573 -7.41 18.44 24.89
CA GLU A 573 -6.78 18.07 26.14
C GLU A 573 -7.82 17.58 27.16
N GLN A 574 -9.05 18.15 27.11
CA GLN A 574 -10.15 17.72 28.01
C GLN A 574 -10.61 16.31 27.65
N GLU A 575 -10.88 16.02 26.35
CA GLU A 575 -11.27 14.68 25.89
C GLU A 575 -10.18 13.66 26.19
N LYS A 576 -8.88 14.06 26.12
CA LYS A 576 -7.73 13.20 26.41
C LYS A 576 -7.74 12.73 27.85
N ASP A 577 -7.94 13.67 28.80
CA ASP A 577 -8.05 13.39 30.25
C ASP A 577 -9.25 12.49 30.52
N PHE A 578 -10.33 12.79 29.84
CA PHE A 578 -11.61 12.10 29.91
C PHE A 578 -11.47 10.65 29.41
N LEU A 579 -10.88 10.43 28.21
CA LEU A 579 -10.66 9.08 27.68
C LEU A 579 -9.75 8.26 28.61
N TRP A 580 -8.67 8.88 29.14
CA TRP A 580 -7.73 8.18 30.02
C TRP A 580 -8.38 7.75 31.33
N SER A 581 -9.22 8.59 31.91
CA SER A 581 -9.85 8.26 33.18
C SER A 581 -10.94 7.18 33.05
N HIS A 582 -11.48 7.00 31.84
CA HIS A 582 -12.48 5.97 31.53
C HIS A 582 -11.92 4.86 30.66
N ARG A 583 -10.59 4.71 30.64
CA ARG A 583 -9.89 3.68 29.88
C ARG A 583 -10.45 2.25 30.06
N HIS A 584 -10.99 1.92 31.26
CA HIS A 584 -11.57 0.58 31.53
C HIS A 584 -12.93 0.41 30.92
N TYR A 585 -13.70 1.50 30.82
CA TYR A 585 -14.96 1.43 30.10
C TYR A 585 -14.64 1.35 28.58
N CYS A 586 -13.51 1.95 28.13
CA CYS A 586 -13.11 1.96 26.72
C CYS A 586 -12.97 0.55 26.12
N VAL A 587 -12.65 -0.46 26.95
CA VAL A 587 -12.50 -1.88 26.55
C VAL A 587 -13.84 -2.43 25.98
N THR A 588 -15.00 -1.90 26.43
CA THR A 588 -16.35 -2.29 25.97
C THR A 588 -16.68 -1.75 24.57
N ILE A 589 -15.96 -0.67 24.15
CA ILE A 589 -16.06 -0.02 22.82
C ILE A 589 -14.63 -0.09 22.25
N PRO A 590 -14.16 -1.29 21.82
CA PRO A 590 -12.74 -1.46 21.49
C PRO A 590 -12.18 -0.68 20.30
N GLU A 591 -13.05 -0.20 19.38
CA GLU A 591 -12.63 0.60 18.21
C GLU A 591 -12.09 2.00 18.60
N ILE A 592 -12.23 2.39 19.89
CA ILE A 592 -11.75 3.67 20.42
C ILE A 592 -10.25 3.63 20.72
N LEU A 593 -9.64 2.43 20.68
CA LEU A 593 -8.23 2.24 21.03
C LEU A 593 -7.29 3.31 20.41
N PRO A 594 -7.34 3.63 19.08
CA PRO A 594 -6.46 4.69 18.53
C PRO A 594 -6.57 6.06 19.23
N LYS A 595 -7.80 6.41 19.71
CA LYS A 595 -8.00 7.70 20.41
C LYS A 595 -7.43 7.62 21.83
N LEU A 596 -7.72 6.51 22.52
CA LEU A 596 -7.23 6.24 23.86
C LEU A 596 -5.72 6.26 23.88
N LEU A 597 -5.08 5.65 22.88
CA LEU A 597 -3.64 5.61 22.79
C LEU A 597 -3.02 7.01 22.61
N LEU A 598 -3.70 7.94 21.95
CA LEU A 598 -3.20 9.31 21.78
C LEU A 598 -3.49 10.22 23.00
N SER A 599 -4.25 9.71 23.98
CA SER A 599 -4.65 10.37 25.20
C SER A 599 -3.73 10.01 26.37
N VAL A 600 -2.87 8.98 26.19
CA VAL A 600 -1.92 8.44 27.18
C VAL A 600 -0.80 9.43 27.43
N LYS A 601 -0.36 9.59 28.69
CA LYS A 601 0.81 10.43 29.00
C LYS A 601 2.04 9.51 28.80
N TRP A 602 2.58 9.56 27.57
CA TRP A 602 3.71 8.71 27.16
C TRP A 602 5.03 8.97 27.92
N ASN A 603 5.13 10.11 28.67
CA ASN A 603 6.28 10.40 29.54
C ASN A 603 5.99 10.01 31.04
N SER A 604 4.93 9.24 31.30
CA SER A 604 4.62 8.75 32.66
C SER A 604 4.68 7.24 32.62
N ARG A 605 5.66 6.62 33.27
CA ARG A 605 5.77 5.14 33.28
C ARG A 605 4.58 4.47 33.97
N ASP A 606 3.91 5.16 34.92
CA ASP A 606 2.77 4.65 35.66
C ASP A 606 1.60 4.45 34.72
N GLU A 607 1.36 5.41 33.83
CA GLU A 607 0.29 5.35 32.83
C GLU A 607 0.66 4.40 31.67
N VAL A 608 1.92 4.49 31.17
CA VAL A 608 2.37 3.60 30.10
C VAL A 608 2.26 2.13 30.53
N ALA A 609 2.74 1.73 31.74
CA ALA A 609 2.63 0.35 32.26
C ALA A 609 1.17 -0.11 32.27
N GLN A 610 0.24 0.74 32.73
CA GLN A 610 -1.19 0.45 32.70
C GLN A 610 -1.76 0.30 31.27
N MET A 611 -1.29 1.12 30.31
CA MET A 611 -1.70 1.02 28.89
C MET A 611 -1.28 -0.33 28.29
N TYR A 612 -0.06 -0.81 28.61
CA TYR A 612 0.47 -2.10 28.17
C TYR A 612 -0.44 -3.23 28.56
N CYS A 613 -0.84 -3.26 29.83
CA CYS A 613 -1.72 -4.30 30.35
C CYS A 613 -3.10 -4.29 29.70
N LEU A 614 -3.63 -3.08 29.39
CA LEU A 614 -4.89 -2.96 28.68
C LEU A 614 -4.70 -3.41 27.20
N VAL A 615 -3.55 -3.15 26.58
CA VAL A 615 -3.33 -3.54 25.18
C VAL A 615 -3.17 -5.07 25.06
N LYS A 616 -2.36 -5.68 25.97
CA LYS A 616 -2.09 -7.11 26.08
C LYS A 616 -3.40 -7.89 25.98
N ASP A 617 -4.44 -7.42 26.69
CA ASP A 617 -5.74 -8.08 26.76
C ASP A 617 -6.85 -7.39 25.96
N TRP A 618 -6.50 -6.39 25.10
CA TRP A 618 -7.51 -5.63 24.33
C TRP A 618 -8.34 -6.53 23.41
N PRO A 619 -9.67 -6.33 23.29
CA PRO A 619 -10.45 -7.17 22.36
C PRO A 619 -9.99 -6.96 20.92
N PRO A 620 -10.15 -7.96 20.03
CA PRO A 620 -9.68 -7.75 18.65
C PRO A 620 -10.55 -6.74 17.89
N ILE A 621 -9.94 -6.00 16.96
CA ILE A 621 -10.62 -5.00 16.15
C ILE A 621 -10.52 -5.40 14.65
N LYS A 622 -11.28 -4.71 13.75
CA LYS A 622 -11.28 -4.98 12.31
C LYS A 622 -9.88 -4.78 11.71
N PRO A 623 -9.44 -5.61 10.73
CA PRO A 623 -8.10 -5.40 10.15
C PRO A 623 -7.89 -3.97 9.66
N GLU A 624 -8.90 -3.37 8.99
CA GLU A 624 -8.84 -1.99 8.50
C GLU A 624 -8.77 -0.97 9.61
N GLN A 625 -9.24 -1.32 10.83
CA GLN A 625 -9.11 -0.46 12.02
C GLN A 625 -7.72 -0.67 12.62
N ALA A 626 -7.21 -1.92 12.64
CA ALA A 626 -5.88 -2.21 13.17
C ALA A 626 -4.77 -1.60 12.32
N MET A 627 -4.95 -1.53 10.97
CA MET A 627 -3.96 -0.91 10.07
C MET A 627 -3.55 0.48 10.53
N GLU A 628 -4.50 1.30 11.03
CA GLU A 628 -4.21 2.63 11.57
C GLU A 628 -3.08 2.57 12.63
N LEU A 629 -3.14 1.58 13.55
CA LEU A 629 -2.18 1.38 14.63
C LEU A 629 -0.76 1.05 14.18
N LEU A 630 -0.57 0.91 12.85
CA LEU A 630 0.71 0.60 12.22
C LEU A 630 1.32 1.84 11.57
N ASP A 631 0.61 2.98 11.61
CA ASP A 631 1.17 4.18 11.00
C ASP A 631 2.15 4.92 11.99
N CYS A 632 2.73 6.05 11.54
CA CYS A 632 3.74 6.89 12.22
C CYS A 632 3.28 7.45 13.59
N ASN A 633 1.98 7.49 13.82
CA ASN A 633 1.37 7.95 15.06
C ASN A 633 1.45 6.92 16.19
N TYR A 634 1.75 5.64 15.91
CA TYR A 634 1.75 4.61 16.96
C TYR A 634 3.05 3.87 16.99
N PRO A 635 4.12 4.48 17.58
CA PRO A 635 5.45 3.84 17.51
C PRO A 635 5.68 2.70 18.50
N ASP A 636 4.81 2.60 19.51
CA ASP A 636 4.96 1.61 20.57
C ASP A 636 4.89 0.15 20.09
N PRO A 637 5.90 -0.69 20.44
CA PRO A 637 5.90 -2.10 19.98
C PRO A 637 4.77 -2.99 20.55
N MET A 638 4.19 -2.63 21.70
CA MET A 638 3.07 -3.40 22.29
C MET A 638 1.80 -3.17 21.46
N VAL A 639 1.61 -1.93 21.04
CA VAL A 639 0.52 -1.41 20.21
C VAL A 639 0.62 -2.02 18.83
N ARG A 640 1.82 -1.99 18.25
CA ARG A 640 2.09 -2.52 16.92
C ARG A 640 1.95 -4.02 16.86
N GLY A 641 2.31 -4.72 17.94
CA GLY A 641 2.14 -6.17 18.12
C GLY A 641 0.67 -6.57 18.15
N PHE A 642 -0.19 -5.71 18.76
CA PHE A 642 -1.64 -5.91 18.85
C PHE A 642 -2.24 -5.86 17.44
N ALA A 643 -1.90 -4.80 16.70
CA ALA A 643 -2.29 -4.54 15.32
C ALA A 643 -1.94 -5.76 14.48
N VAL A 644 -0.69 -6.25 14.58
CA VAL A 644 -0.24 -7.42 13.84
C VAL A 644 -1.05 -8.68 14.24
N ARG A 645 -1.40 -8.85 15.53
CA ARG A 645 -2.22 -9.99 15.95
C ARG A 645 -3.63 -9.97 15.35
N CYS A 646 -4.21 -8.78 15.13
CA CYS A 646 -5.52 -8.62 14.47
C CYS A 646 -5.39 -8.95 13.00
N LEU A 647 -4.25 -8.62 12.37
CA LEU A 647 -4.01 -8.95 10.97
C LEU A 647 -3.90 -10.45 10.78
N GLU A 648 -3.18 -11.14 11.68
CA GLU A 648 -2.97 -12.60 11.69
C GLU A 648 -4.28 -13.36 11.82
N LYS A 649 -5.17 -12.90 12.68
CA LYS A 649 -6.45 -13.55 12.92
C LYS A 649 -7.55 -13.20 11.89
N TYR A 650 -7.54 -11.96 11.31
CA TYR A 650 -8.69 -11.52 10.50
C TYR A 650 -8.41 -11.02 9.08
N LEU A 651 -7.17 -10.74 8.70
CA LEU A 651 -6.88 -10.26 7.37
C LEU A 651 -6.82 -11.44 6.38
N THR A 652 -7.73 -11.45 5.40
CA THR A 652 -7.76 -12.49 4.38
C THR A 652 -6.65 -12.18 3.37
N ASP A 653 -6.22 -13.19 2.60
CA ASP A 653 -5.18 -13.05 1.57
C ASP A 653 -5.58 -12.02 0.48
N ASP A 654 -6.89 -11.99 0.10
CA ASP A 654 -7.50 -11.02 -0.83
C ASP A 654 -7.30 -9.57 -0.30
N LYS A 655 -7.64 -9.33 0.98
CA LYS A 655 -7.50 -8.02 1.58
C LYS A 655 -6.03 -7.66 1.85
N LEU A 656 -5.19 -8.64 2.15
CA LEU A 656 -3.74 -8.42 2.32
C LEU A 656 -3.18 -7.91 0.96
N SER A 657 -3.50 -8.62 -0.17
CA SER A 657 -3.11 -8.23 -1.52
C SER A 657 -3.58 -6.82 -1.85
N GLN A 658 -4.82 -6.51 -1.55
CA GLN A 658 -5.40 -5.19 -1.75
C GLN A 658 -4.60 -4.06 -1.00
N TYR A 659 -4.17 -4.29 0.25
CA TYR A 659 -3.46 -3.29 1.08
C TYR A 659 -1.98 -3.53 1.22
N LEU A 660 -1.38 -4.35 0.35
CA LEU A 660 0.04 -4.69 0.45
C LEU A 660 0.98 -3.47 0.35
N ILE A 661 0.64 -2.47 -0.48
CA ILE A 661 1.44 -1.23 -0.61
C ILE A 661 1.49 -0.46 0.73
N GLN A 662 0.36 -0.31 1.43
CA GLN A 662 0.35 0.34 2.75
C GLN A 662 1.17 -0.48 3.77
N LEU A 663 1.02 -1.81 3.78
CA LEU A 663 1.72 -2.66 4.73
C LEU A 663 3.23 -2.70 4.49
N VAL A 664 3.66 -2.62 3.23
CA VAL A 664 5.09 -2.52 2.90
C VAL A 664 5.60 -1.11 3.32
N GLN A 665 4.82 -0.05 3.08
CA GLN A 665 5.21 1.30 3.50
C GLN A 665 5.41 1.46 4.99
N VAL A 666 4.49 0.92 5.80
CA VAL A 666 4.59 1.10 7.26
C VAL A 666 5.81 0.37 7.90
N LEU A 667 6.47 -0.52 7.17
CA LEU A 667 7.70 -1.21 7.59
C LEU A 667 8.78 -0.18 7.94
N LYS A 668 8.76 0.95 7.23
CA LYS A 668 9.66 2.07 7.40
C LYS A 668 9.52 2.74 8.76
N TYR A 669 8.38 2.56 9.42
CA TYR A 669 8.10 3.14 10.73
C TYR A 669 8.48 2.22 11.85
N GLU A 670 8.94 1.02 11.54
CA GLU A 670 9.38 0.10 12.58
C GLU A 670 10.74 0.58 13.10
N GLN A 671 10.92 0.63 14.43
CA GLN A 671 12.18 1.07 15.02
C GLN A 671 13.32 0.11 14.64
N TYR A 672 13.04 -1.22 14.61
CA TYR A 672 14.05 -2.25 14.37
C TYR A 672 13.82 -3.09 13.13
N LEU A 673 14.90 -3.74 12.67
CA LEU A 673 14.85 -4.63 11.51
C LEU A 673 13.99 -5.87 11.84
N ASP A 674 14.15 -6.43 13.05
CA ASP A 674 13.38 -7.59 13.48
C ASP A 674 12.15 -7.15 14.30
N ASN A 675 10.96 -7.35 13.74
CA ASN A 675 9.68 -6.93 14.33
C ASN A 675 8.59 -7.89 13.90
N LEU A 676 7.44 -7.82 14.55
CA LEU A 676 6.29 -8.69 14.34
C LEU A 676 5.63 -8.51 12.98
N LEU A 677 5.66 -7.28 12.45
CA LEU A 677 5.04 -6.96 11.16
C LEU A 677 5.78 -7.59 10.01
N VAL A 678 7.12 -7.39 9.97
CA VAL A 678 8.03 -7.95 8.99
C VAL A 678 7.97 -9.47 8.99
N ARG A 679 7.72 -10.11 10.14
CA ARG A 679 7.64 -11.58 10.23
C ARG A 679 6.33 -12.11 9.65
N PHE A 680 5.25 -11.40 9.93
CA PHE A 680 3.93 -11.68 9.42
C PHE A 680 3.93 -11.54 7.89
N LEU A 681 4.48 -10.42 7.35
CA LEU A 681 4.52 -10.14 5.91
C LEU A 681 5.40 -11.09 5.16
N LEU A 682 6.58 -11.40 5.71
CA LEU A 682 7.48 -12.37 5.07
C LEU A 682 6.86 -13.79 5.03
N LYS A 683 6.19 -14.20 6.12
CA LYS A 683 5.55 -15.53 6.18
C LYS A 683 4.45 -15.60 5.16
N LYS A 684 3.67 -14.54 5.01
CA LYS A 684 2.61 -14.52 3.99
C LYS A 684 3.17 -14.58 2.53
N ALA A 685 4.25 -13.80 2.27
CA ALA A 685 4.92 -13.77 0.97
C ALA A 685 5.52 -15.13 0.64
N LEU A 686 5.99 -15.87 1.65
CA LEU A 686 6.61 -17.19 1.48
C LEU A 686 5.57 -18.35 1.49
N THR A 687 4.29 -18.05 1.72
CA THR A 687 3.23 -19.07 1.71
C THR A 687 2.15 -18.79 0.64
N ASN A 688 2.36 -17.77 -0.21
CA ASN A 688 1.43 -17.36 -1.27
C ASN A 688 2.23 -16.64 -2.33
N GLN A 689 2.52 -17.29 -3.47
CA GLN A 689 3.30 -16.66 -4.54
C GLN A 689 2.69 -15.39 -5.11
N ARG A 690 1.36 -15.22 -5.06
CA ARG A 690 0.69 -14.01 -5.56
C ARG A 690 1.04 -12.81 -4.67
N ILE A 691 1.02 -12.99 -3.32
CA ILE A 691 1.48 -11.98 -2.37
C ILE A 691 3.04 -11.78 -2.51
N GLY A 692 3.77 -12.90 -2.59
CA GLY A 692 5.23 -12.94 -2.75
C GLY A 692 5.74 -12.13 -3.93
N HIS A 693 5.03 -12.22 -5.07
CA HIS A 693 5.31 -11.49 -6.31
C HIS A 693 5.27 -9.98 -6.08
N PHE A 694 4.13 -9.44 -5.58
CA PHE A 694 3.98 -7.99 -5.36
C PHE A 694 4.81 -7.49 -4.20
N PHE A 695 5.07 -8.33 -3.21
CA PHE A 695 5.95 -8.05 -2.07
C PHE A 695 7.35 -7.77 -2.61
N PHE A 696 7.88 -8.68 -3.45
CA PHE A 696 9.21 -8.55 -4.06
C PHE A 696 9.27 -7.24 -4.88
N TRP A 697 8.28 -6.99 -5.73
CA TRP A 697 8.27 -5.81 -6.59
C TRP A 697 8.11 -4.46 -5.87
N HIS A 698 7.29 -4.38 -4.78
CA HIS A 698 7.16 -3.15 -4.00
C HIS A 698 8.47 -2.85 -3.27
N LEU A 699 9.19 -3.90 -2.80
CA LEU A 699 10.48 -3.74 -2.12
C LEU A 699 11.57 -3.38 -3.10
N LYS A 700 11.68 -4.16 -4.21
CA LYS A 700 12.68 -3.94 -5.24
C LYS A 700 12.57 -2.53 -5.86
N SER A 701 11.35 -2.07 -6.16
CA SER A 701 11.14 -0.73 -6.76
C SER A 701 11.71 0.42 -5.92
N GLU A 702 11.84 0.24 -4.59
CA GLU A 702 12.38 1.24 -3.68
C GLU A 702 13.83 0.99 -3.24
N MET A 703 14.55 0.07 -3.94
CA MET A 703 15.97 -0.25 -3.64
C MET A 703 16.98 0.87 -3.93
N HIS A 704 16.57 1.91 -4.67
CA HIS A 704 17.40 3.07 -5.04
C HIS A 704 17.37 4.06 -3.89
N ASN A 705 16.29 4.07 -3.12
CA ASN A 705 16.10 4.96 -1.97
C ASN A 705 16.96 4.48 -0.77
N LYS A 706 18.01 5.26 -0.47
CA LYS A 706 19.01 4.96 0.56
C LYS A 706 18.50 5.10 2.00
N THR A 707 17.24 5.49 2.18
CA THR A 707 16.62 5.61 3.49
C THR A 707 16.02 4.23 3.91
N VAL A 708 15.86 3.28 2.93
CA VAL A 708 15.24 1.96 3.15
C VAL A 708 16.01 0.79 2.48
N SER A 709 17.06 1.08 1.67
CA SER A 709 17.78 0.05 0.94
C SER A 709 18.39 -1.05 1.84
N GLN A 710 18.84 -0.72 3.05
CA GLN A 710 19.36 -1.74 3.97
C GLN A 710 18.21 -2.65 4.47
N ARG A 711 17.13 -2.04 4.99
CA ARG A 711 15.97 -2.79 5.47
C ARG A 711 15.36 -3.68 4.39
N PHE A 712 15.06 -3.11 3.21
CA PHE A 712 14.44 -3.79 2.08
C PHE A 712 15.35 -4.80 1.40
N GLY A 713 16.65 -4.51 1.37
CA GLY A 713 17.64 -5.42 0.81
C GLY A 713 17.79 -6.70 1.62
N LEU A 714 17.83 -6.57 2.96
CA LEU A 714 17.96 -7.69 3.90
C LEU A 714 16.68 -8.51 3.85
N LEU A 715 15.54 -7.83 3.80
CA LEU A 715 14.23 -8.42 3.66
C LEU A 715 14.13 -9.16 2.31
N LEU A 716 14.64 -8.56 1.23
CA LEU A 716 14.63 -9.23 -0.07
C LEU A 716 15.58 -10.44 -0.06
N GLU A 717 16.72 -10.36 0.66
CA GLU A 717 17.67 -11.45 0.76
C GLU A 717 17.00 -12.70 1.34
N SER A 718 16.34 -12.54 2.49
CA SER A 718 15.58 -13.56 3.20
C SER A 718 14.42 -14.13 2.37
N TYR A 719 13.72 -13.27 1.61
CA TYR A 719 12.62 -13.71 0.76
C TYR A 719 13.18 -14.57 -0.38
N CYS A 720 14.26 -14.10 -1.04
CA CYS A 720 14.91 -14.80 -2.17
C CYS A 720 15.50 -16.14 -1.80
N ARG A 721 15.90 -16.37 -0.53
CA ARG A 721 16.46 -17.66 -0.08
C ARG A 721 15.39 -18.74 0.09
N ALA A 722 14.14 -18.36 0.34
CA ALA A 722 13.10 -19.31 0.67
C ALA A 722 11.92 -19.35 -0.26
N CYS A 723 11.85 -18.46 -1.26
CA CYS A 723 10.72 -18.43 -2.20
C CYS A 723 10.74 -19.63 -3.15
N GLY A 724 11.89 -20.29 -3.25
CA GLY A 724 12.10 -21.46 -4.09
C GLY A 724 12.34 -21.12 -5.53
N MET A 725 11.71 -21.90 -6.41
CA MET A 725 11.81 -21.80 -7.85
C MET A 725 11.42 -20.47 -8.42
N TYR A 726 10.59 -19.69 -7.69
CA TYR A 726 10.14 -18.40 -8.16
C TYR A 726 11.29 -17.37 -8.33
N LEU A 727 12.40 -17.50 -7.58
CA LEU A 727 13.57 -16.63 -7.71
C LEU A 727 14.03 -16.64 -9.18
N LYS A 728 14.07 -17.84 -9.82
CA LYS A 728 14.47 -18.00 -11.22
C LYS A 728 13.54 -17.24 -12.20
N HIS A 729 12.20 -17.26 -11.96
CA HIS A 729 11.21 -16.52 -12.75
C HIS A 729 11.28 -15.01 -12.51
N LEU A 730 11.54 -14.63 -11.27
CA LEU A 730 11.73 -13.24 -10.88
C LEU A 730 12.94 -12.66 -11.61
N ASN A 731 14.07 -13.40 -11.62
CA ASN A 731 15.29 -13.02 -12.33
C ASN A 731 15.10 -12.79 -13.87
N ARG A 732 14.11 -13.47 -14.50
CA ARG A 732 13.74 -13.23 -15.91
C ARG A 732 13.03 -11.86 -16.04
N GLN A 733 12.08 -11.54 -15.14
CA GLN A 733 11.38 -10.26 -15.10
C GLN A 733 12.36 -9.13 -14.76
N VAL A 734 13.32 -9.36 -13.81
CA VAL A 734 14.33 -8.36 -13.44
C VAL A 734 15.21 -8.08 -14.65
N GLU A 735 15.67 -9.15 -15.38
CA GLU A 735 16.50 -8.95 -16.56
C GLU A 735 15.75 -8.29 -17.69
N ALA A 736 14.49 -8.68 -17.94
CA ALA A 736 13.71 -8.02 -18.97
C ALA A 736 13.54 -6.52 -18.65
N MET A 737 13.23 -6.16 -17.39
CA MET A 737 13.06 -4.75 -16.99
C MET A 737 14.37 -3.97 -17.14
N GLU A 738 15.52 -4.54 -16.70
CA GLU A 738 16.80 -3.90 -16.87
C GLU A 738 17.12 -3.62 -18.35
N LYS A 739 16.86 -4.57 -19.26
CA LYS A 739 17.11 -4.37 -20.69
C LYS A 739 16.30 -3.17 -21.21
N LEU A 740 15.01 -3.05 -20.79
CA LEU A 740 14.08 -1.97 -21.13
C LEU A 740 14.48 -0.63 -20.49
N ILE A 741 15.03 -0.66 -19.27
CA ILE A 741 15.53 0.56 -18.63
C ILE A 741 16.76 1.05 -19.45
N ASN A 742 17.62 0.12 -19.91
CA ASN A 742 18.79 0.46 -20.71
C ASN A 742 18.41 1.09 -22.05
N LEU A 743 17.38 0.52 -22.75
CA LEU A 743 16.90 1.01 -24.04
C LEU A 743 16.28 2.40 -23.93
N THR A 744 15.35 2.60 -22.98
CA THR A 744 14.67 3.88 -22.79
C THR A 744 15.64 4.96 -22.32
N ASP A 745 16.67 4.58 -21.53
CA ASP A 745 17.69 5.53 -21.07
C ASP A 745 18.53 6.01 -22.25
N ILE A 746 18.84 5.12 -23.22
CA ILE A 746 19.59 5.52 -24.41
C ILE A 746 18.73 6.49 -25.26
N LEU A 747 17.48 6.10 -25.61
CA LEU A 747 16.56 6.95 -26.38
C LEU A 747 16.36 8.35 -25.83
N LYS A 748 16.49 8.55 -24.49
CA LYS A 748 16.33 9.87 -23.87
C LYS A 748 17.65 10.66 -23.73
N GLN A 749 18.82 9.99 -23.83
CA GLN A 749 20.12 10.65 -23.68
C GLN A 749 20.94 10.75 -24.97
N GLU A 750 20.75 9.81 -25.92
CA GLU A 750 21.50 9.74 -27.17
C GLU A 750 20.68 9.85 -28.45
N LYS A 751 19.33 9.74 -28.37
CA LYS A 751 18.45 9.76 -29.55
C LYS A 751 17.19 10.65 -29.40
N LYS A 752 17.07 11.42 -28.30
CA LYS A 752 15.95 12.31 -27.96
C LYS A 752 15.53 13.31 -29.06
N ASP A 753 16.48 13.90 -29.78
CA ASP A 753 16.19 14.91 -30.80
C ASP A 753 15.89 14.34 -32.19
N GLU A 754 16.13 13.03 -32.38
CA GLU A 754 15.87 12.36 -33.66
C GLU A 754 14.39 12.05 -33.86
N THR A 755 13.98 11.87 -35.10
CA THR A 755 12.60 11.57 -35.48
C THR A 755 12.19 10.15 -35.02
N GLN A 756 10.86 9.93 -34.96
CA GLN A 756 10.22 8.69 -34.53
C GLN A 756 10.75 7.48 -35.36
N LYS A 757 10.79 7.62 -36.69
CA LYS A 757 11.26 6.63 -37.63
C LYS A 757 12.71 6.16 -37.32
N VAL A 758 13.62 7.13 -37.08
CA VAL A 758 15.05 6.93 -36.74
C VAL A 758 15.16 6.21 -35.42
N GLN A 759 14.38 6.67 -34.41
CA GLN A 759 14.36 6.09 -33.06
C GLN A 759 13.83 4.65 -33.08
N MET A 760 12.80 4.39 -33.89
CA MET A 760 12.18 3.08 -34.06
C MET A 760 13.14 2.12 -34.78
N LYS A 761 13.92 2.64 -35.74
CA LYS A 761 14.94 1.88 -36.45
C LYS A 761 16.00 1.45 -35.40
N PHE A 762 16.45 2.38 -34.54
CA PHE A 762 17.44 2.10 -33.48
C PHE A 762 16.95 1.05 -32.50
N LEU A 763 15.65 1.14 -32.13
CA LEU A 763 14.99 0.24 -31.20
C LEU A 763 14.91 -1.17 -31.74
N VAL A 764 14.36 -1.35 -32.97
CA VAL A 764 14.23 -2.60 -33.69
C VAL A 764 15.59 -3.34 -33.81
N GLU A 765 16.65 -2.60 -34.17
CA GLU A 765 18.01 -3.16 -34.28
C GLU A 765 18.54 -3.63 -32.92
N GLN A 766 18.42 -2.79 -31.88
CA GLN A 766 18.88 -3.10 -30.54
C GLN A 766 18.13 -4.30 -29.97
N MET A 767 16.78 -4.30 -30.10
CA MET A 767 15.92 -5.38 -29.61
C MET A 767 16.21 -6.74 -30.25
N ARG A 768 16.58 -6.77 -31.54
CA ARG A 768 16.88 -7.98 -32.31
C ARG A 768 18.24 -8.61 -31.99
N ARG A 769 19.09 -7.93 -31.18
CA ARG A 769 20.39 -8.47 -30.73
C ARG A 769 20.14 -9.77 -29.88
N PRO A 770 20.96 -10.85 -30.07
CA PRO A 770 20.69 -12.12 -29.38
C PRO A 770 20.46 -12.08 -27.86
N ASP A 771 21.28 -11.24 -27.17
CA ASP A 771 21.27 -10.99 -25.74
C ASP A 771 19.93 -10.42 -25.30
N PHE A 772 19.52 -9.27 -25.94
CA PHE A 772 18.28 -8.54 -25.72
C PHE A 772 17.06 -9.34 -26.07
N MET A 773 17.02 -9.91 -27.30
CA MET A 773 15.87 -10.64 -27.81
C MET A 773 15.42 -11.74 -26.84
N ASP A 774 16.36 -12.52 -26.30
CA ASP A 774 16.01 -13.56 -25.36
C ASP A 774 15.57 -13.03 -23.96
N ALA A 775 16.14 -11.91 -23.50
CA ALA A 775 15.77 -11.32 -22.21
C ALA A 775 14.38 -10.70 -22.24
N LEU A 776 13.85 -10.35 -23.43
CA LEU A 776 12.56 -9.68 -23.56
C LEU A 776 11.43 -10.58 -24.03
N GLN A 777 11.62 -11.89 -24.00
CA GLN A 777 10.63 -12.88 -24.44
C GLN A 777 10.64 -14.06 -23.48
N GLY A 778 9.49 -14.72 -23.30
CA GLY A 778 9.41 -15.91 -22.46
C GLY A 778 9.58 -15.64 -20.98
N PHE A 779 8.74 -14.75 -20.42
CA PHE A 779 8.73 -14.43 -18.99
C PHE A 779 7.31 -14.07 -18.53
N LEU A 780 7.12 -13.87 -17.25
CA LEU A 780 5.83 -13.53 -16.65
C LEU A 780 5.68 -12.04 -16.53
N SER A 781 4.48 -11.55 -16.80
CA SER A 781 4.17 -10.13 -16.67
C SER A 781 4.33 -9.69 -15.21
N PRO A 782 5.18 -8.68 -14.89
CA PRO A 782 5.23 -8.20 -13.50
C PRO A 782 3.90 -7.56 -13.06
N LEU A 783 3.05 -7.15 -14.02
CA LEU A 783 1.74 -6.56 -13.73
C LEU A 783 0.79 -7.60 -13.19
N ASN A 784 0.85 -8.80 -13.74
CA ASN A 784 0.04 -9.95 -13.38
C ASN A 784 0.78 -11.23 -13.77
N PRO A 785 1.43 -11.90 -12.80
CA PRO A 785 2.22 -13.11 -13.11
C PRO A 785 1.41 -14.33 -13.63
N ALA A 786 0.07 -14.31 -13.60
CA ALA A 786 -0.76 -15.36 -14.23
C ALA A 786 -0.69 -15.24 -15.79
N HIS A 787 -0.26 -14.05 -16.28
CA HIS A 787 -0.11 -13.75 -17.69
C HIS A 787 1.33 -14.02 -18.16
N GLN A 788 1.45 -14.91 -19.13
CA GLN A 788 2.70 -15.29 -19.75
C GLN A 788 2.98 -14.39 -20.94
N LEU A 789 4.20 -13.88 -21.00
CA LEU A 789 4.65 -13.08 -22.13
C LEU A 789 5.59 -13.98 -22.96
N GLY A 790 5.16 -14.30 -24.17
CA GLY A 790 5.94 -15.14 -25.07
C GLY A 790 6.79 -14.32 -26.00
N ASN A 791 6.72 -14.64 -27.29
CA ASN A 791 7.47 -13.93 -28.29
C ASN A 791 6.99 -12.51 -28.39
N LEU A 792 7.94 -11.58 -28.36
CA LEU A 792 7.70 -10.16 -28.48
C LEU A 792 7.32 -9.94 -29.94
N ARG A 793 6.20 -9.23 -30.19
CA ARG A 793 5.70 -8.91 -31.53
C ARG A 793 6.21 -7.52 -31.92
N LEU A 794 7.45 -7.47 -32.44
CA LEU A 794 8.18 -6.24 -32.80
C LEU A 794 7.45 -5.27 -33.72
N GLU A 795 6.64 -5.76 -34.67
CA GLU A 795 5.90 -4.93 -35.63
C GLU A 795 4.83 -4.06 -34.97
N GLU A 796 4.34 -4.51 -33.80
CA GLU A 796 3.29 -3.86 -33.00
C GLU A 796 3.88 -2.99 -31.89
N CYS A 797 5.21 -3.01 -31.73
CA CYS A 797 5.90 -2.25 -30.69
C CYS A 797 6.15 -0.86 -31.22
N ARG A 798 5.98 0.16 -30.37
CA ARG A 798 6.15 1.54 -30.81
C ARG A 798 6.49 2.51 -29.68
N ILE A 799 7.03 3.66 -30.06
CA ILE A 799 7.34 4.75 -29.15
C ILE A 799 6.10 5.63 -29.16
N MET A 800 5.48 5.82 -27.99
CA MET A 800 4.27 6.62 -27.84
C MET A 800 4.56 8.13 -27.86
N SER A 801 3.59 8.92 -28.35
CA SER A 801 3.70 10.38 -28.49
C SER A 801 3.68 11.15 -27.17
N SER A 802 3.18 10.52 -26.08
CA SER A 802 3.05 11.08 -24.72
C SER A 802 4.41 11.52 -24.12
N ALA A 803 4.35 12.28 -23.01
CA ALA A 803 5.50 12.77 -22.26
C ALA A 803 6.29 11.58 -21.72
N LYS A 804 7.64 11.73 -21.66
CA LYS A 804 8.60 10.69 -21.26
C LYS A 804 8.67 9.58 -22.32
N ARG A 805 7.93 9.78 -23.45
CA ARG A 805 7.76 8.90 -24.61
C ARG A 805 7.73 7.42 -24.25
N PRO A 806 6.63 6.93 -23.63
CA PRO A 806 6.59 5.52 -23.22
C PRO A 806 6.61 4.51 -24.36
N LEU A 807 7.05 3.29 -24.06
CA LEU A 807 7.08 2.23 -25.04
C LEU A 807 5.80 1.45 -24.97
N TRP A 808 5.19 1.24 -26.12
CA TRP A 808 4.01 0.40 -26.27
C TRP A 808 4.57 -0.98 -26.67
N LEU A 809 4.38 -1.97 -25.80
CA LEU A 809 4.94 -3.30 -25.99
C LEU A 809 3.87 -4.35 -26.09
N ASN A 810 4.11 -5.31 -26.96
CA ASN A 810 3.17 -6.35 -27.31
C ASN A 810 3.86 -7.69 -27.36
N TRP A 811 3.31 -8.66 -26.65
CA TRP A 811 3.82 -10.04 -26.63
C TRP A 811 2.68 -11.00 -26.96
N GLU A 812 3.01 -12.12 -27.59
CA GLU A 812 2.05 -13.19 -27.83
C GLU A 812 1.76 -13.85 -26.48
N ASN A 813 0.51 -14.26 -26.25
CA ASN A 813 0.12 -15.02 -25.06
C ASN A 813 0.38 -16.48 -25.50
N PRO A 814 1.44 -17.15 -25.01
CA PRO A 814 1.73 -18.51 -25.50
C PRO A 814 0.75 -19.59 -25.02
N ASP A 815 -0.25 -19.22 -24.18
CA ASP A 815 -1.28 -20.16 -23.70
C ASP A 815 -1.99 -20.75 -24.88
N ILE A 816 -2.27 -22.07 -24.83
CA ILE A 816 -2.91 -22.81 -25.94
C ILE A 816 -4.30 -22.24 -26.31
N MET A 817 -5.04 -21.75 -25.30
CA MET A 817 -6.38 -21.19 -25.46
C MET A 817 -6.35 -19.66 -25.27
N SER A 818 -5.31 -19.00 -25.84
CA SER A 818 -5.14 -17.54 -25.77
C SER A 818 -6.28 -16.76 -26.41
N GLU A 819 -6.86 -17.27 -27.51
CA GLU A 819 -8.00 -16.66 -28.21
C GLU A 819 -9.25 -16.46 -27.33
N LEU A 820 -9.42 -17.25 -26.25
CA LEU A 820 -10.56 -17.17 -25.33
C LEU A 820 -10.43 -16.07 -24.26
N LEU A 821 -9.23 -15.45 -24.15
CA LEU A 821 -8.92 -14.34 -23.22
C LEU A 821 -8.37 -13.21 -24.11
N PHE A 822 -7.05 -13.15 -24.33
CA PHE A 822 -6.42 -12.20 -25.24
C PHE A 822 -5.24 -12.85 -25.95
N GLN A 823 -5.08 -12.61 -27.26
CA GLN A 823 -3.99 -13.20 -28.05
C GLN A 823 -2.67 -12.44 -27.93
N ASN A 824 -2.77 -11.14 -27.60
CA ASN A 824 -1.60 -10.29 -27.42
C ASN A 824 -1.71 -9.52 -26.11
N ASN A 825 -0.64 -9.57 -25.29
CA ASN A 825 -0.59 -8.87 -24.01
C ASN A 825 0.14 -7.56 -24.23
N GLU A 826 -0.59 -6.44 -24.12
CA GLU A 826 -0.01 -5.14 -24.40
C GLU A 826 0.21 -4.37 -23.14
N ILE A 827 1.47 -3.94 -22.94
CA ILE A 827 1.90 -3.21 -21.76
C ILE A 827 2.60 -1.93 -22.22
N ILE A 828 2.40 -0.84 -21.45
CA ILE A 828 3.05 0.45 -21.66
C ILE A 828 4.23 0.50 -20.66
N PHE A 829 5.46 0.64 -21.16
CA PHE A 829 6.64 0.74 -20.31
C PHE A 829 7.00 2.21 -20.26
N LYS A 830 7.00 2.80 -19.10
CA LYS A 830 7.27 4.23 -18.99
C LYS A 830 8.48 4.48 -18.09
N ASN A 831 9.44 5.26 -18.58
CA ASN A 831 10.65 5.63 -17.87
C ASN A 831 10.75 7.17 -17.79
N GLY A 832 10.53 7.73 -16.61
CA GLY A 832 10.64 9.18 -16.41
C GLY A 832 9.77 9.81 -15.35
N ASP A 833 8.56 9.24 -15.12
CA ASP A 833 7.57 9.76 -14.15
C ASP A 833 7.44 8.88 -12.93
N ASP A 834 7.12 9.47 -11.77
CA ASP A 834 6.86 8.74 -10.54
C ASP A 834 5.47 8.13 -10.70
N LEU A 835 5.37 6.79 -10.63
CA LEU A 835 4.10 6.08 -10.80
C LEU A 835 3.40 5.70 -9.51
N ARG A 836 3.96 6.09 -8.38
CA ARG A 836 3.46 5.75 -7.04
C ARG A 836 2.10 6.43 -6.72
N GLN A 837 1.94 7.68 -7.12
CA GLN A 837 0.67 8.40 -6.93
C GLN A 837 -0.42 7.77 -7.79
N ASP A 838 -0.09 7.39 -9.04
CA ASP A 838 -0.98 6.68 -9.97
C ASP A 838 -1.44 5.35 -9.34
N MET A 839 -0.49 4.60 -8.75
N MET A 839 -0.49 4.59 -8.73
CA MET A 839 -0.69 3.30 -8.10
CA MET A 839 -0.75 3.29 -8.09
C MET A 839 -1.69 3.42 -6.94
C MET A 839 -1.76 3.46 -6.96
N LEU A 840 -1.52 4.46 -6.10
CA LEU A 840 -2.37 4.74 -4.94
C LEU A 840 -3.79 5.17 -5.35
N THR A 841 -3.91 6.02 -6.40
CA THR A 841 -5.20 6.50 -6.90
C THR A 841 -6.01 5.33 -7.43
N LEU A 842 -5.40 4.50 -8.30
CA LEU A 842 -6.00 3.30 -8.87
C LEU A 842 -6.44 2.32 -7.81
N GLN A 843 -5.64 2.15 -6.74
CA GLN A 843 -5.98 1.28 -5.60
C GLN A 843 -7.25 1.80 -4.91
N ILE A 844 -7.30 3.12 -4.63
CA ILE A 844 -8.44 3.82 -4.04
C ILE A 844 -9.71 3.70 -4.92
N ILE A 845 -9.58 3.92 -6.25
CA ILE A 845 -10.71 3.81 -7.19
C ILE A 845 -11.39 2.43 -7.06
N ARG A 846 -10.57 1.35 -7.01
CA ARG A 846 -10.99 -0.05 -6.85
C ARG A 846 -11.72 -0.23 -5.51
N ILE A 847 -11.15 0.30 -4.40
CA ILE A 847 -11.75 0.28 -3.07
C ILE A 847 -13.10 0.99 -3.08
N MET A 848 -13.23 2.11 -3.84
CA MET A 848 -14.47 2.90 -3.98
C MET A 848 -15.53 2.12 -4.75
N GLU A 849 -15.13 1.51 -5.87
CA GLU A 849 -15.98 0.68 -6.71
C GLU A 849 -16.55 -0.50 -5.88
N ASN A 850 -15.66 -1.14 -5.09
CA ASN A 850 -15.97 -2.25 -4.19
C ASN A 850 -17.01 -1.82 -3.17
N ILE A 851 -16.86 -0.61 -2.58
CA ILE A 851 -17.84 -0.09 -1.64
C ILE A 851 -19.18 0.17 -2.34
N TRP A 852 -19.16 0.71 -3.58
CA TRP A 852 -20.37 1.01 -4.34
C TRP A 852 -21.17 -0.27 -4.74
N GLN A 853 -20.48 -1.29 -5.28
CA GLN A 853 -21.13 -2.55 -5.67
C GLN A 853 -21.78 -3.25 -4.47
N ASN A 854 -21.12 -3.23 -3.30
CA ASN A 854 -21.60 -3.87 -2.08
C ASN A 854 -22.87 -3.22 -1.52
N GLN A 855 -23.12 -1.93 -1.82
CA GLN A 855 -24.28 -1.16 -1.36
C GLN A 855 -25.37 -1.12 -2.46
N GLY A 856 -25.24 -2.00 -3.45
CA GLY A 856 -26.12 -2.10 -4.60
C GLY A 856 -26.09 -0.90 -5.55
N LEU A 857 -24.92 -0.27 -5.69
CA LEU A 857 -24.72 0.92 -6.55
C LEU A 857 -23.70 0.59 -7.66
N ASP A 858 -24.21 0.18 -8.83
CA ASP A 858 -23.40 -0.26 -9.97
C ASP A 858 -22.72 0.89 -10.76
N LEU A 859 -21.59 1.39 -10.27
CA LEU A 859 -20.83 2.39 -11.01
C LEU A 859 -19.54 1.68 -11.33
N ARG A 860 -19.42 1.22 -12.57
CA ARG A 860 -18.26 0.47 -13.00
C ARG A 860 -17.12 1.43 -13.29
N MET A 861 -16.02 1.24 -12.54
CA MET A 861 -14.79 1.99 -12.61
C MET A 861 -13.80 1.14 -13.38
N LEU A 862 -12.67 1.71 -13.81
CA LEU A 862 -11.67 0.94 -14.54
C LEU A 862 -10.30 1.15 -13.89
N PRO A 863 -10.03 0.47 -12.75
CA PRO A 863 -8.70 0.61 -12.15
C PRO A 863 -7.70 -0.30 -12.89
N TYR A 864 -7.21 0.15 -14.06
CA TYR A 864 -6.24 -0.62 -14.86
C TYR A 864 -4.95 -0.83 -14.03
N GLY A 865 -4.21 -1.87 -14.34
CA GLY A 865 -2.98 -2.19 -13.64
C GLY A 865 -1.89 -1.16 -13.88
N CYS A 866 -1.14 -0.93 -12.81
CA CYS A 866 -0.02 0.00 -12.77
C CYS A 866 0.94 -0.39 -11.67
N LEU A 867 2.20 -0.60 -12.05
CA LEU A 867 3.25 -1.02 -11.14
C LEU A 867 4.52 -0.22 -11.33
N SER A 868 5.00 0.39 -10.21
CA SER A 868 6.30 1.08 -10.18
C SER A 868 7.37 0.00 -10.03
N ILE A 869 8.41 -0.05 -10.89
CA ILE A 869 9.43 -1.12 -10.81
C ILE A 869 10.85 -0.60 -10.43
N GLY A 870 10.97 0.69 -10.23
CA GLY A 870 12.22 1.33 -9.84
C GLY A 870 11.99 2.82 -9.69
N ASP A 871 13.09 3.60 -9.62
CA ASP A 871 13.08 5.05 -9.48
C ASP A 871 12.51 5.65 -10.78
N CYS A 872 11.27 6.15 -10.72
CA CYS A 872 10.51 6.77 -11.82
C CYS A 872 10.48 5.91 -13.12
N VAL A 873 10.30 4.59 -12.94
CA VAL A 873 10.16 3.57 -14.00
C VAL A 873 8.96 2.73 -13.62
N GLY A 874 8.21 2.27 -14.62
CA GLY A 874 7.10 1.37 -14.37
C GLY A 874 6.28 0.89 -15.55
N LEU A 875 5.28 0.05 -15.22
CA LEU A 875 4.37 -0.57 -16.19
C LEU A 875 2.92 -0.17 -16.01
N ILE A 876 2.20 -0.07 -17.12
CA ILE A 876 0.79 0.29 -17.26
C ILE A 876 0.07 -0.75 -18.14
N GLU A 877 -1.05 -1.29 -17.63
CA GLU A 877 -1.89 -2.24 -18.36
C GLU A 877 -2.66 -1.45 -19.42
N VAL A 878 -2.60 -1.92 -20.67
CA VAL A 878 -3.31 -1.34 -21.79
C VAL A 878 -4.76 -1.82 -21.68
N VAL A 879 -5.73 -0.92 -21.82
CA VAL A 879 -7.14 -1.28 -21.85
C VAL A 879 -7.51 -1.41 -23.34
N ARG A 880 -7.93 -2.61 -23.75
CA ARG A 880 -8.29 -2.86 -25.13
C ARG A 880 -9.59 -2.17 -25.46
N ASN A 881 -9.72 -1.71 -26.73
CA ASN A 881 -10.90 -1.06 -27.33
C ASN A 881 -11.30 0.24 -26.63
N SER A 882 -10.29 1.05 -26.24
CA SER A 882 -10.39 2.34 -25.57
C SER A 882 -9.71 3.44 -26.38
N HIS A 883 -10.29 4.65 -26.35
CA HIS A 883 -9.77 5.82 -27.08
C HIS A 883 -9.96 7.08 -26.23
N THR A 884 -9.06 8.09 -26.35
CA THR A 884 -9.23 9.35 -25.63
C THR A 884 -10.37 10.13 -26.26
N ILE A 885 -10.91 11.14 -25.53
CA ILE A 885 -11.96 12.03 -26.05
C ILE A 885 -11.45 12.70 -27.33
N MET A 886 -10.19 13.18 -27.34
CA MET A 886 -9.53 13.79 -28.50
C MET A 886 -9.50 12.84 -29.69
N GLN A 887 -9.09 11.56 -29.48
CA GLN A 887 -9.07 10.54 -30.56
C GLN A 887 -10.46 10.34 -31.15
N ILE A 888 -11.53 10.40 -30.31
CA ILE A 888 -12.92 10.25 -30.71
C ILE A 888 -13.30 11.43 -31.62
N GLN A 889 -13.11 12.68 -31.12
CA GLN A 889 -13.51 13.88 -31.85
C GLN A 889 -12.61 14.22 -33.04
N CYS A 890 -11.37 13.72 -33.10
CA CYS A 890 -10.48 13.92 -34.26
C CYS A 890 -10.83 12.97 -35.43
N LYS A 891 -11.91 12.15 -35.25
CA LYS A 891 -12.49 11.20 -36.20
C LYS A 891 -11.46 10.19 -36.73
N PHE A 900 -15.07 20.30 -35.04
CA PHE A 900 -15.84 19.20 -34.45
C PHE A 900 -16.94 19.69 -33.51
N ASN A 901 -18.12 19.09 -33.67
CA ASN A 901 -19.34 19.38 -32.92
C ASN A 901 -19.29 18.74 -31.51
N SER A 902 -20.18 19.19 -30.60
CA SER A 902 -20.31 18.68 -29.22
C SER A 902 -21.04 17.33 -29.26
N HIS A 903 -21.69 17.04 -30.40
CA HIS A 903 -22.47 15.83 -30.68
C HIS A 903 -21.63 14.67 -31.21
N THR A 904 -20.34 14.94 -31.56
CA THR A 904 -19.37 13.95 -32.08
C THR A 904 -19.22 12.73 -31.15
N LEU A 905 -19.05 12.96 -29.84
CA LEU A 905 -18.88 11.86 -28.87
C LEU A 905 -20.13 10.97 -28.83
N HIS A 906 -21.32 11.58 -28.67
CA HIS A 906 -22.59 10.85 -28.68
C HIS A 906 -22.80 10.10 -30.00
N GLN A 907 -22.41 10.72 -31.13
CA GLN A 907 -22.50 10.13 -32.46
C GLN A 907 -21.66 8.87 -32.58
N TRP A 908 -20.40 8.94 -32.09
CA TRP A 908 -19.46 7.82 -32.09
C TRP A 908 -20.02 6.65 -31.26
N LEU A 909 -20.53 6.94 -30.05
CA LEU A 909 -21.12 5.93 -29.16
C LEU A 909 -22.32 5.24 -29.81
N LYS A 910 -23.23 6.03 -30.40
CA LYS A 910 -24.43 5.59 -31.13
C LYS A 910 -24.01 4.70 -32.32
N ASP A 911 -22.86 5.00 -32.97
CA ASP A 911 -22.30 4.27 -34.11
C ASP A 911 -21.68 2.94 -33.67
N LYS A 912 -21.00 2.93 -32.50
CA LYS A 912 -20.37 1.74 -31.90
C LYS A 912 -21.40 0.81 -31.24
N ASN A 913 -22.59 1.32 -30.93
CA ASN A 913 -23.68 0.57 -30.28
C ASN A 913 -25.01 0.81 -31.00
N LYS A 914 -25.05 0.48 -32.30
CA LYS A 914 -26.24 0.62 -33.13
C LYS A 914 -27.28 -0.44 -32.72
N GLY A 915 -28.56 -0.14 -32.93
CA GLY A 915 -29.66 -1.03 -32.60
C GLY A 915 -30.11 -1.03 -31.15
N GLU A 916 -30.57 -2.20 -30.68
CA GLU A 916 -31.10 -2.45 -29.33
C GLU A 916 -30.11 -2.25 -28.19
N ILE A 917 -28.78 -2.44 -28.46
CA ILE A 917 -27.70 -2.34 -27.46
C ILE A 917 -27.28 -0.87 -27.14
N TYR A 918 -27.96 0.11 -27.78
CA TYR A 918 -27.70 1.55 -27.59
C TYR A 918 -27.89 2.00 -26.13
N ASP A 919 -29.03 1.64 -25.49
CA ASP A 919 -29.36 2.01 -24.12
C ASP A 919 -28.37 1.51 -23.09
N ALA A 920 -27.80 0.30 -23.29
CA ALA A 920 -26.82 -0.31 -22.39
C ALA A 920 -25.54 0.51 -22.34
N ALA A 921 -25.14 1.09 -23.49
CA ALA A 921 -23.96 1.94 -23.64
C ALA A 921 -24.17 3.27 -22.94
N ILE A 922 -25.35 3.87 -23.11
CA ILE A 922 -25.72 5.13 -22.45
C ILE A 922 -25.70 4.94 -20.94
N ASP A 923 -26.26 3.82 -20.46
CA ASP A 923 -26.33 3.50 -19.04
C ASP A 923 -24.94 3.28 -18.49
N LEU A 924 -24.10 2.55 -19.20
CA LEU A 924 -22.72 2.30 -18.80
C LEU A 924 -21.91 3.61 -18.77
N PHE A 925 -22.12 4.50 -19.77
CA PHE A 925 -21.45 5.79 -19.82
C PHE A 925 -21.82 6.61 -18.60
N THR A 926 -23.11 6.86 -18.39
CA THR A 926 -23.68 7.59 -17.26
C THR A 926 -23.12 7.11 -15.93
N ARG A 927 -23.13 5.79 -15.69
CA ARG A 927 -22.70 5.16 -14.43
C ARG A 927 -21.18 5.30 -14.17
N SER A 928 -20.35 5.05 -15.21
CA SER A 928 -18.89 5.18 -15.15
C SER A 928 -18.52 6.65 -14.98
N CYS A 929 -19.31 7.51 -15.62
CA CYS A 929 -19.19 8.96 -15.54
C CYS A 929 -19.47 9.45 -14.11
N ALA A 930 -20.57 8.97 -13.48
CA ALA A 930 -20.94 9.40 -12.11
C ALA A 930 -19.86 9.03 -11.09
N GLY A 931 -19.35 7.81 -11.23
CA GLY A 931 -18.28 7.28 -10.38
C GLY A 931 -17.02 8.08 -10.51
N TYR A 932 -16.64 8.49 -11.74
CA TYR A 932 -15.43 9.28 -11.94
C TYR A 932 -15.57 10.73 -11.50
N CYS A 933 -16.78 11.32 -11.57
CA CYS A 933 -17.00 12.70 -11.08
C CYS A 933 -16.81 12.77 -9.57
N VAL A 934 -17.38 11.79 -8.85
CA VAL A 934 -17.32 11.69 -7.40
C VAL A 934 -15.91 11.32 -6.95
N ALA A 935 -15.29 10.26 -7.53
CA ALA A 935 -13.94 9.85 -7.17
C ALA A 935 -12.91 10.94 -7.38
N THR A 936 -12.93 11.61 -8.55
CA THR A 936 -11.97 12.67 -8.83
C THR A 936 -12.17 13.90 -7.96
N PHE A 937 -13.43 14.25 -7.62
CA PHE A 937 -13.65 15.41 -6.75
C PHE A 937 -13.20 15.13 -5.32
N ILE A 938 -13.43 13.92 -4.80
CA ILE A 938 -13.01 13.56 -3.45
C ILE A 938 -11.49 13.61 -3.33
N LEU A 939 -10.80 12.95 -4.27
CA LEU A 939 -9.34 12.79 -4.26
C LEU A 939 -8.53 13.97 -4.79
N GLY A 940 -9.19 14.93 -5.44
CA GLY A 940 -8.56 16.12 -5.99
C GLY A 940 -7.50 15.82 -7.03
N ILE A 941 -7.83 14.91 -7.95
CA ILE A 941 -6.99 14.45 -9.06
C ILE A 941 -6.61 15.61 -10.00
N GLY A 942 -5.53 15.48 -10.78
CA GLY A 942 -5.11 16.52 -11.74
C GLY A 942 -6.17 16.81 -12.78
N ASP A 943 -6.26 18.05 -13.26
CA ASP A 943 -7.26 18.51 -14.25
C ASP A 943 -7.51 17.55 -15.40
N ARG A 944 -8.80 17.23 -15.61
CA ARG A 944 -9.21 16.37 -16.70
C ARG A 944 -9.31 17.16 -17.97
N HIS A 945 -8.87 16.54 -19.06
CA HIS A 945 -8.96 17.07 -20.40
C HIS A 945 -9.13 15.91 -21.36
N ASN A 946 -9.41 16.24 -22.63
CA ASN A 946 -9.70 15.38 -23.75
C ASN A 946 -8.66 14.31 -23.99
N SER A 947 -7.40 14.54 -23.59
CA SER A 947 -6.32 13.57 -23.79
C SER A 947 -6.08 12.62 -22.59
N ASN A 948 -6.77 12.83 -21.44
CA ASN A 948 -6.63 11.96 -20.28
C ASN A 948 -8.00 11.39 -19.79
N ILE A 949 -9.02 11.48 -20.65
CA ILE A 949 -10.32 10.85 -20.39
C ILE A 949 -10.46 9.87 -21.55
N MET A 950 -10.69 8.59 -21.26
CA MET A 950 -10.85 7.57 -22.29
C MET A 950 -12.23 6.96 -22.22
N VAL A 951 -12.66 6.33 -23.32
CA VAL A 951 -13.95 5.68 -23.42
C VAL A 951 -13.83 4.38 -24.25
N LYS A 952 -14.36 3.26 -23.73
CA LYS A 952 -14.36 1.98 -24.44
C LYS A 952 -15.52 1.98 -25.47
N ASP A 953 -15.46 1.09 -26.49
CA ASP A 953 -16.50 0.97 -27.53
C ASP A 953 -17.91 0.79 -26.93
N ASP A 954 -18.03 -0.06 -25.88
CA ASP A 954 -19.26 -0.40 -25.15
C ASP A 954 -19.88 0.79 -24.37
N GLY A 955 -19.14 1.89 -24.25
CA GLY A 955 -19.57 3.11 -23.57
C GLY A 955 -18.90 3.44 -22.26
N GLN A 956 -18.03 2.56 -21.75
CA GLN A 956 -17.38 2.76 -20.45
C GLN A 956 -16.34 3.87 -20.45
N LEU A 957 -16.61 4.91 -19.66
CA LEU A 957 -15.72 6.08 -19.49
C LEU A 957 -14.77 5.81 -18.34
N PHE A 958 -13.50 6.18 -18.50
CA PHE A 958 -12.50 6.04 -17.45
C PHE A 958 -11.41 7.09 -17.62
N HIS A 959 -10.64 7.34 -16.57
CA HIS A 959 -9.56 8.31 -16.59
C HIS A 959 -8.20 7.65 -16.51
N ILE A 960 -7.19 8.33 -17.07
CA ILE A 960 -5.80 7.87 -17.09
C ILE A 960 -4.94 8.99 -16.53
N ASP A 961 -3.64 8.71 -16.30
CA ASP A 961 -2.63 9.69 -15.84
C ASP A 961 -3.02 10.42 -14.53
N PHE A 962 -2.84 9.72 -13.39
CA PHE A 962 -3.13 10.22 -12.05
C PHE A 962 -1.84 10.65 -11.30
N GLY A 963 -1.04 11.49 -11.94
CA GLY A 963 0.20 11.99 -11.39
C GLY A 963 0.02 12.97 -10.24
N HIS A 964 -1.12 13.70 -10.22
CA HIS A 964 -1.42 14.67 -9.17
C HIS A 964 -2.69 14.34 -8.39
N PHE A 965 -2.67 14.51 -7.06
CA PHE A 965 -3.83 14.31 -6.18
C PHE A 965 -3.82 15.28 -5.00
N LEU A 966 -4.88 15.23 -4.18
CA LEU A 966 -5.08 16.05 -2.97
C LEU A 966 -4.95 17.56 -3.25
N ASP A 967 -4.40 18.31 -2.31
CA ASP A 967 -4.24 19.76 -2.38
C ASP A 967 -3.00 20.17 -3.24
N HIS A 968 -2.85 19.60 -4.47
CA HIS A 968 -1.68 19.89 -5.33
C HIS A 968 -1.59 21.37 -5.83
N LYS A 969 -2.57 22.23 -5.44
CA LYS A 969 -2.58 23.68 -5.65
C LYS A 969 -2.67 24.36 -4.25
N LYS A 970 -1.70 25.24 -3.90
CA LYS A 970 -1.61 25.95 -2.62
C LYS A 970 -1.75 25.02 -1.38
N ARG A 977 -11.82 26.96 -2.33
CA ARG A 977 -10.45 26.45 -2.22
C ARG A 977 -10.34 24.94 -2.56
N GLU A 978 -11.46 24.31 -3.01
CA GLU A 978 -11.50 22.91 -3.50
C GLU A 978 -11.88 22.96 -4.96
N ARG A 979 -11.28 22.07 -5.74
CA ARG A 979 -11.47 22.00 -7.18
C ARG A 979 -12.42 20.89 -7.62
N VAL A 980 -12.94 21.03 -8.85
CA VAL A 980 -13.75 20.04 -9.55
C VAL A 980 -12.87 19.69 -10.77
N PRO A 981 -12.05 18.61 -10.65
CA PRO A 981 -11.11 18.25 -11.74
C PRO A 981 -11.77 17.78 -13.02
N PHE A 982 -12.96 17.16 -12.91
CA PHE A 982 -13.76 16.59 -13.99
C PHE A 982 -15.07 17.38 -14.15
N VAL A 983 -15.03 18.38 -15.03
CA VAL A 983 -16.15 19.24 -15.36
C VAL A 983 -16.78 18.63 -16.60
N LEU A 984 -18.03 18.20 -16.47
CA LEU A 984 -18.82 17.61 -17.54
C LEU A 984 -19.15 18.67 -18.56
N THR A 985 -18.53 18.60 -19.74
CA THR A 985 -18.77 19.52 -20.85
C THR A 985 -20.10 19.17 -21.51
N GLN A 986 -20.46 19.90 -22.59
CA GLN A 986 -21.68 19.61 -23.35
C GLN A 986 -21.64 18.19 -23.91
N ASP A 987 -20.47 17.75 -24.40
CA ASP A 987 -20.21 16.43 -24.97
C ASP A 987 -20.68 15.30 -24.05
N PHE A 988 -20.35 15.35 -22.75
CA PHE A 988 -20.76 14.34 -21.78
C PHE A 988 -22.26 14.39 -21.48
N LEU A 989 -22.82 15.60 -21.27
CA LEU A 989 -24.26 15.82 -21.01
C LEU A 989 -25.14 15.34 -22.17
N ILE A 990 -24.70 15.57 -23.43
CA ILE A 990 -25.40 15.12 -24.64
C ILE A 990 -25.51 13.59 -24.63
N VAL A 991 -24.42 12.88 -24.25
CA VAL A 991 -24.42 11.41 -24.17
C VAL A 991 -25.41 11.00 -23.10
N ILE A 992 -25.22 11.48 -21.85
CA ILE A 992 -26.09 11.23 -20.71
C ILE A 992 -27.59 11.43 -21.07
N SER A 993 -27.94 12.57 -21.70
CA SER A 993 -29.33 12.94 -22.08
C SER A 993 -29.81 12.40 -23.43
N LYS A 994 -29.07 11.44 -24.02
CA LYS A 994 -29.37 10.72 -25.27
C LYS A 994 -29.59 11.61 -26.50
N GLY A 995 -28.77 12.65 -26.64
CA GLY A 995 -28.82 13.55 -27.79
C GLY A 995 -29.76 14.74 -27.71
N ALA A 996 -30.41 14.94 -26.55
CA ALA A 996 -31.34 16.05 -26.33
C ALA A 996 -30.59 17.39 -26.30
N GLN A 997 -31.29 18.48 -26.70
CA GLN A 997 -30.74 19.85 -26.74
CA GLN A 997 -30.70 19.83 -26.74
C GLN A 997 -30.55 20.43 -25.34
N GLU A 998 -31.62 20.42 -24.52
CA GLU A 998 -31.61 20.93 -23.15
C GLU A 998 -31.22 19.75 -22.23
N CYS A 999 -29.93 19.37 -22.25
CA CYS A 999 -29.44 18.22 -21.47
C CYS A 999 -29.51 18.44 -19.96
N THR A 1000 -29.28 19.68 -19.49
CA THR A 1000 -29.31 20.07 -18.07
C THR A 1000 -30.70 19.87 -17.40
N LYS A 1001 -31.78 19.98 -18.20
CA LYS A 1001 -33.16 19.85 -17.74
C LYS A 1001 -33.83 18.54 -18.22
N THR A 1002 -33.18 17.38 -18.00
CA THR A 1002 -33.72 16.07 -18.38
C THR A 1002 -33.80 15.10 -17.20
N ARG A 1003 -34.64 14.05 -17.35
CA ARG A 1003 -34.82 13.00 -16.35
C ARG A 1003 -33.55 12.17 -16.23
N GLU A 1004 -32.82 11.99 -17.36
CA GLU A 1004 -31.57 11.25 -17.44
C GLU A 1004 -30.49 11.97 -16.64
N PHE A 1005 -30.48 13.33 -16.70
CA PHE A 1005 -29.51 14.13 -15.96
C PHE A 1005 -29.81 14.15 -14.47
N GLU A 1006 -31.11 14.11 -14.09
CA GLU A 1006 -31.56 14.06 -12.69
C GLU A 1006 -31.13 12.75 -12.07
N ARG A 1007 -31.24 11.63 -12.85
CA ARG A 1007 -30.83 10.30 -12.38
C ARG A 1007 -29.32 10.21 -12.30
N PHE A 1008 -28.59 10.98 -13.16
CA PHE A 1008 -27.14 11.01 -13.14
C PHE A 1008 -26.68 11.70 -11.86
N GLN A 1009 -27.41 12.75 -11.45
CA GLN A 1009 -27.16 13.49 -10.22
C GLN A 1009 -27.39 12.59 -9.02
N GLU A 1010 -28.52 11.83 -8.98
CA GLU A 1010 -28.85 10.93 -7.87
C GLU A 1010 -27.80 9.86 -7.69
N MET A 1011 -27.19 9.40 -8.79
CA MET A 1011 -26.09 8.42 -8.79
C MET A 1011 -24.86 9.04 -8.12
N CYS A 1012 -24.56 10.32 -8.42
CA CYS A 1012 -23.45 11.07 -7.84
C CYS A 1012 -23.63 11.31 -6.37
N TYR A 1013 -24.85 11.67 -5.96
CA TYR A 1013 -25.15 11.97 -4.56
C TYR A 1013 -24.98 10.72 -3.70
N LYS A 1014 -25.55 9.59 -4.15
CA LYS A 1014 -25.48 8.31 -3.46
C LYS A 1014 -24.04 7.86 -3.32
N ALA A 1015 -23.25 8.00 -4.41
CA ALA A 1015 -21.84 7.64 -4.50
C ALA A 1015 -21.00 8.44 -3.52
N TYR A 1016 -21.21 9.76 -3.48
CA TYR A 1016 -20.52 10.70 -2.60
C TYR A 1016 -20.74 10.40 -1.12
N LEU A 1017 -22.00 10.15 -0.73
CA LEU A 1017 -22.38 9.86 0.64
C LEU A 1017 -21.85 8.52 1.12
N ALA A 1018 -21.80 7.50 0.24
CA ALA A 1018 -21.28 6.17 0.53
C ALA A 1018 -19.77 6.23 0.89
N ILE A 1019 -18.99 7.05 0.18
CA ILE A 1019 -17.56 7.24 0.44
C ILE A 1019 -17.37 7.97 1.75
N ARG A 1020 -18.24 8.97 2.01
CA ARG A 1020 -18.26 9.75 3.25
C ARG A 1020 -18.39 8.80 4.47
N GLN A 1021 -19.25 7.77 4.36
CA GLN A 1021 -19.48 6.74 5.37
C GLN A 1021 -18.24 5.83 5.64
N HIS A 1022 -17.24 5.82 4.73
CA HIS A 1022 -16.02 5.01 4.86
C HIS A 1022 -14.76 5.90 4.86
N ALA A 1023 -14.88 7.11 5.40
CA ALA A 1023 -13.81 8.10 5.41
C ALA A 1023 -12.58 7.61 6.17
N ASN A 1024 -12.78 6.93 7.30
CA ASN A 1024 -11.67 6.44 8.13
C ASN A 1024 -10.76 5.57 7.32
N LEU A 1025 -11.33 4.65 6.54
CA LEU A 1025 -10.59 3.76 5.68
C LEU A 1025 -9.66 4.54 4.76
N PHE A 1026 -10.20 5.53 4.00
CA PHE A 1026 -9.46 6.38 3.07
C PHE A 1026 -8.40 7.22 3.73
N ILE A 1027 -8.74 7.84 4.86
CA ILE A 1027 -7.79 8.66 5.64
C ILE A 1027 -6.60 7.79 6.11
N ASN A 1028 -6.88 6.58 6.61
CA ASN A 1028 -5.87 5.64 7.06
C ASN A 1028 -5.02 5.08 5.92
N LEU A 1029 -5.64 4.82 4.76
CA LEU A 1029 -4.86 4.37 3.59
C LEU A 1029 -3.80 5.40 3.18
N PHE A 1030 -4.16 6.71 3.23
CA PHE A 1030 -3.28 7.84 2.93
C PHE A 1030 -2.26 8.06 4.03
N SER A 1031 -2.67 7.95 5.33
CA SER A 1031 -1.77 8.15 6.49
C SER A 1031 -0.64 7.14 6.54
N MET A 1032 -0.91 5.91 6.08
CA MET A 1032 0.06 4.83 6.02
C MET A 1032 1.07 5.08 4.89
N MET A 1033 0.76 6.00 3.96
CA MET A 1033 1.61 6.34 2.81
C MET A 1033 2.50 7.59 2.97
N LEU A 1034 2.58 8.16 4.17
CA LEU A 1034 3.33 9.40 4.48
C LEU A 1034 4.87 9.30 4.47
N GLY A 1035 5.39 8.12 4.74
CA GLY A 1035 6.83 7.89 4.79
C GLY A 1035 7.40 7.71 3.41
N SER A 1036 6.52 7.40 2.46
CA SER A 1036 6.78 7.27 1.05
C SER A 1036 6.97 8.73 0.62
N GLY A 1037 8.12 9.04 0.05
CA GLY A 1037 8.45 10.38 -0.40
C GLY A 1037 7.64 10.84 -1.60
N MET A 1038 6.30 10.79 -1.51
CA MET A 1038 5.43 11.27 -2.57
C MET A 1038 5.26 12.77 -2.42
N PRO A 1039 5.48 13.56 -3.49
CA PRO A 1039 5.41 15.04 -3.36
C PRO A 1039 4.11 15.64 -2.80
N GLU A 1040 2.91 15.11 -3.16
CA GLU A 1040 1.64 15.67 -2.65
C GLU A 1040 1.16 15.07 -1.31
N LEU A 1041 1.95 14.14 -0.71
CA LEU A 1041 1.61 13.45 0.53
C LEU A 1041 2.81 13.41 1.51
N GLN A 1042 3.09 14.55 2.13
CA GLN A 1042 4.21 14.78 3.05
C GLN A 1042 3.73 14.97 4.47
N SER A 1043 2.59 15.68 4.63
CA SER A 1043 2.02 15.96 5.95
C SER A 1043 0.57 15.52 6.09
N PHE A 1044 0.06 15.54 7.32
CA PHE A 1044 -1.32 15.22 7.65
C PHE A 1044 -2.25 16.32 7.09
N ASP A 1045 -1.69 17.52 6.76
CA ASP A 1045 -2.44 18.63 6.18
C ASP A 1045 -2.76 18.42 4.71
N ASP A 1046 -1.95 17.55 4.05
CA ASP A 1046 -2.17 17.14 2.67
C ASP A 1046 -3.37 16.19 2.68
N ILE A 1047 -3.45 15.27 3.69
CA ILE A 1047 -4.55 14.32 3.85
C ILE A 1047 -5.84 15.07 4.24
N ALA A 1048 -5.71 16.14 5.05
CA ALA A 1048 -6.79 17.05 5.46
C ALA A 1048 -7.73 17.48 4.31
N TYR A 1049 -7.23 17.52 3.06
CA TYR A 1049 -8.00 17.85 1.86
C TYR A 1049 -9.23 16.93 1.71
N ILE A 1050 -9.09 15.65 2.09
CA ILE A 1050 -10.14 14.63 2.02
C ILE A 1050 -11.19 14.91 3.11
N ARG A 1051 -10.80 15.55 4.22
CA ARG A 1051 -11.74 15.96 5.27
C ARG A 1051 -12.62 17.09 4.74
N LYS A 1052 -12.06 17.97 3.89
CA LYS A 1052 -12.78 19.09 3.26
C LYS A 1052 -13.70 18.58 2.15
N THR A 1053 -13.18 17.82 1.16
CA THR A 1053 -14.02 17.31 0.05
C THR A 1053 -15.11 16.38 0.56
N LEU A 1054 -14.86 15.61 1.63
CA LEU A 1054 -15.91 14.78 2.20
C LEU A 1054 -16.76 15.51 3.23
N ALA A 1055 -16.44 16.81 3.52
CA ALA A 1055 -17.17 17.67 4.46
C ALA A 1055 -17.52 16.92 5.76
N LEU A 1056 -16.49 16.47 6.49
CA LEU A 1056 -16.65 15.66 7.69
C LEU A 1056 -17.07 16.43 8.97
N ASP A 1057 -16.74 17.74 9.08
CA ASP A 1057 -17.15 18.56 10.24
C ASP A 1057 -18.62 18.94 10.13
N LYS A 1058 -19.17 18.84 8.93
CA LYS A 1058 -20.54 19.16 8.59
C LYS A 1058 -21.44 17.94 8.77
N THR A 1059 -22.76 18.12 8.75
CA THR A 1059 -23.73 17.02 8.82
C THR A 1059 -23.86 16.42 7.40
N GLU A 1060 -24.56 15.28 7.27
CA GLU A 1060 -24.78 14.60 5.99
C GLU A 1060 -25.59 15.40 4.98
N GLN A 1061 -26.51 16.25 5.44
CA GLN A 1061 -27.30 17.07 4.51
C GLN A 1061 -26.44 18.25 4.03
N GLU A 1062 -25.70 18.87 4.97
CA GLU A 1062 -24.81 19.99 4.70
C GLU A 1062 -23.67 19.53 3.78
N ALA A 1063 -23.20 18.28 3.93
CA ALA A 1063 -22.15 17.66 3.08
C ALA A 1063 -22.65 17.47 1.66
N LEU A 1064 -23.93 17.07 1.50
CA LEU A 1064 -24.58 16.93 0.20
C LEU A 1064 -24.76 18.29 -0.43
N GLU A 1065 -25.18 19.27 0.37
CA GLU A 1065 -25.38 20.64 -0.10
C GLU A 1065 -24.05 21.23 -0.60
N TYR A 1066 -22.95 20.99 0.15
CA TYR A 1066 -21.60 21.45 -0.20
C TYR A 1066 -21.14 20.83 -1.54
N PHE A 1067 -21.39 19.51 -1.74
CA PHE A 1067 -21.06 18.82 -2.98
C PHE A 1067 -21.78 19.46 -4.18
N MET A 1068 -23.10 19.70 -4.04
CA MET A 1068 -23.97 20.33 -5.05
C MET A 1068 -23.46 21.71 -5.44
N LYS A 1069 -22.99 22.51 -4.46
CA LYS A 1069 -22.50 23.87 -4.69
C LYS A 1069 -21.17 23.84 -5.48
N GLN A 1070 -20.23 22.94 -5.10
CA GLN A 1070 -18.95 22.79 -5.80
C GLN A 1070 -19.19 22.49 -7.29
N MET A 1071 -20.11 21.53 -7.58
CA MET A 1071 -20.52 21.09 -8.91
C MET A 1071 -21.17 22.22 -9.68
N ASN A 1072 -22.09 22.98 -9.04
CA ASN A 1072 -22.81 24.12 -9.62
C ASN A 1072 -21.87 25.26 -10.05
N ASP A 1073 -20.91 25.64 -9.19
CA ASP A 1073 -19.95 26.70 -9.50
C ASP A 1073 -19.02 26.31 -10.64
N ALA A 1074 -18.68 24.99 -10.75
CA ALA A 1074 -17.82 24.47 -11.81
C ALA A 1074 -18.53 24.44 -13.16
N HIS A 1075 -19.83 24.07 -13.16
CA HIS A 1075 -20.70 23.91 -14.32
C HIS A 1075 -21.51 25.17 -14.70
N HIS A 1076 -21.45 26.22 -13.85
CA HIS A 1076 -22.16 27.49 -13.99
C HIS A 1076 -23.65 27.19 -14.18
N GLY A 1077 -24.23 26.61 -13.13
CA GLY A 1077 -25.62 26.16 -13.07
C GLY A 1077 -25.76 24.67 -13.33
N GLY A 1078 -26.91 24.12 -12.93
CA GLY A 1078 -27.25 22.72 -13.14
C GLY A 1078 -27.48 21.89 -11.88
N TRP A 1079 -26.85 22.27 -10.76
CA TRP A 1079 -26.91 21.54 -9.48
C TRP A 1079 -27.46 22.42 -8.36
#